data_8G3E
#
_entry.id   8G3E
#
_cell.length_a   46.662
_cell.length_b   62.276
_cell.length_c   64.381
_cell.angle_alpha   114.09
_cell.angle_beta   91.08
_cell.angle_gamma   110.17
#
_symmetry.space_group_name_H-M   'P 1'
#
loop_
_entity.id
_entity.type
_entity.pdbx_description
1 polymer 'WD repeat-containing protein 5'
2 non-polymer "(1M)-N-[(3,5-difluoro[1,1'-biphenyl]-4-yl)methyl]-6-methyl-4-oxo-1-(pyridin-3-yl)-1,4-dihydropyridazine-3-carboxamide"
3 water water
#
_entity_poly.entity_id   1
_entity_poly.type   'polypeptide(L)'
_entity_poly.pdbx_seq_one_letter_code
;SNASATQSKPTPVKPNYALKFTLAGHTKAVSSVKFSPNGEWLASSSADKLIKIWGAYDGKFEKTISGHKLGISDVAWSSD
SNLLVSASDDKTLKIWDVSSGKCLKTLKGHSNYVFCCNFNPQSNLIVSGSFDESVRIWDVKTGKCLKTLPAHSDPVSAVH
FNRDGSLIVSSSYDGLCRIWDTASGQCLKTLIDDDNPPVSFVKFSPNGKYILAATLDNTLKLWDYSKGKCLKTYTGHKNE
KYCIFANFSVTGGKWIVSGSEDNLVYIWNLQTKEIVQKLQGHTDVVISTACHPTENIIASAALENDKTIKLWKSDC
;
_entity_poly.pdbx_strand_id   A,B
#
loop_
_chem_comp.id
_chem_comp.type
_chem_comp.name
_chem_comp.formula
YJR non-polymer (1M)-N-[(3,5-difluoro[1,1'-biphenyl]-4-yl)methyl]-6-methyl-4-oxo-1-(pyridin-3-yl)-1,4-dihydropyridazine-3-carboxamide 'C24 H18 F2 N4 O2'
#
# COMPACT_ATOMS: atom_id res chain seq x y z
N ASN A 2 -38.24 27.37 -27.51
CA ASN A 2 -37.40 28.13 -26.54
C ASN A 2 -35.95 27.62 -26.64
N ALA A 3 -35.16 28.26 -27.50
CA ALA A 3 -33.79 27.83 -27.84
C ALA A 3 -33.07 29.04 -28.46
N SER A 4 -31.74 28.96 -28.52
CA SER A 4 -30.85 29.96 -29.17
C SER A 4 -31.27 30.16 -30.63
N ALA A 5 -30.98 31.34 -31.20
CA ALA A 5 -31.07 31.63 -32.65
C ALA A 5 -30.00 30.80 -33.38
N THR A 6 -30.18 30.55 -34.68
CA THR A 6 -29.30 29.68 -35.52
C THR A 6 -27.85 30.17 -35.42
N PRO A 12 -15.60 27.03 -32.08
CA PRO A 12 -14.17 26.74 -32.08
C PRO A 12 -13.90 25.25 -32.33
N VAL A 13 -12.72 24.94 -32.87
CA VAL A 13 -12.27 23.54 -33.13
C VAL A 13 -12.04 22.84 -31.79
N LYS A 14 -12.22 21.52 -31.76
CA LYS A 14 -11.93 20.63 -30.61
C LYS A 14 -10.77 19.73 -31.00
N PRO A 15 -9.97 19.22 -30.03
CA PRO A 15 -8.91 18.27 -30.36
C PRO A 15 -9.56 16.91 -30.61
N ASN A 16 -8.80 15.97 -31.18
CA ASN A 16 -9.28 14.61 -31.51
C ASN A 16 -8.24 13.59 -31.04
N TYR A 17 -7.80 13.74 -29.79
CA TYR A 17 -6.86 12.78 -29.17
C TYR A 17 -7.42 11.36 -29.31
N ALA A 18 -6.57 10.45 -29.79
CA ALA A 18 -6.87 9.03 -29.98
C ALA A 18 -5.71 8.22 -29.42
N LEU A 19 -6.00 7.04 -28.89
CA LEU A 19 -4.98 6.18 -28.25
C LEU A 19 -3.99 5.68 -29.31
N LYS A 20 -2.69 5.79 -29.02
CA LYS A 20 -1.61 5.30 -29.90
C LYS A 20 -0.91 4.10 -29.24
N PHE A 21 -0.60 4.19 -27.94
CA PHE A 21 0.18 3.14 -27.24
C PHE A 21 -0.28 3.01 -25.79
N THR A 22 -0.23 1.79 -25.27
CA THR A 22 -0.35 1.48 -23.82
C THR A 22 1.00 0.93 -23.36
N LEU A 23 1.56 1.53 -22.32
CA LEU A 23 2.92 1.22 -21.80
C LEU A 23 2.76 0.47 -20.47
N ALA A 24 3.08 -0.82 -20.49
CA ALA A 24 2.92 -1.72 -19.34
C ALA A 24 4.30 -2.07 -18.78
N GLY A 25 4.42 -2.15 -17.45
CA GLY A 25 5.69 -2.54 -16.82
C GLY A 25 5.72 -2.25 -15.33
N HIS A 26 5.13 -1.14 -14.90
CA HIS A 26 5.04 -0.86 -13.45
C HIS A 26 4.18 -1.93 -12.79
N THR A 27 4.54 -2.30 -11.57
CA THR A 27 3.88 -3.42 -10.84
C THR A 27 2.98 -2.88 -9.75
N LYS A 28 2.96 -1.56 -9.58
CA LYS A 28 2.03 -0.86 -8.67
C LYS A 28 1.54 0.42 -9.34
N ALA A 29 0.69 1.16 -8.65
CA ALA A 29 0.16 2.45 -9.12
C ALA A 29 1.30 3.29 -9.72
N VAL A 30 1.02 3.92 -10.85
CA VAL A 30 1.91 4.98 -11.37
C VAL A 30 1.57 6.24 -10.58
N SER A 31 2.55 7.13 -10.40
CA SER A 31 2.37 8.39 -9.63
C SER A 31 2.55 9.63 -10.50
N SER A 32 3.46 9.59 -11.47
CA SER A 32 3.80 10.80 -12.25
C SER A 32 4.40 10.36 -13.59
N VAL A 33 4.03 11.06 -14.66
CA VAL A 33 4.71 10.92 -15.98
C VAL A 33 5.13 12.31 -16.44
N LYS A 34 6.30 12.40 -17.05
CA LYS A 34 6.87 13.68 -17.51
C LYS A 34 7.62 13.43 -18.82
N PHE A 35 7.39 14.30 -19.81
CA PHE A 35 8.16 14.27 -21.08
C PHE A 35 9.49 14.99 -20.87
N SER A 36 10.57 14.43 -21.42
CA SER A 36 11.87 15.15 -21.43
C SER A 36 11.74 16.43 -22.25
N PRO A 37 12.42 17.52 -21.85
CA PRO A 37 12.40 18.77 -22.61
C PRO A 37 12.78 18.63 -24.08
N ASN A 38 13.63 17.67 -24.42
CA ASN A 38 14.04 17.43 -25.83
C ASN A 38 12.99 16.63 -26.60
N GLY A 39 11.90 16.21 -25.95
CA GLY A 39 10.74 15.56 -26.59
C GLY A 39 10.95 14.07 -26.87
N GLU A 40 12.10 13.52 -26.51
CA GLU A 40 12.53 12.15 -26.92
CA GLU A 40 12.53 12.16 -26.92
C GLU A 40 11.93 11.09 -25.99
N TRP A 41 11.78 11.43 -24.71
CA TRP A 41 11.50 10.41 -23.66
C TRP A 41 10.27 10.78 -22.84
N LEU A 42 9.67 9.74 -22.28
CA LEU A 42 8.72 9.86 -21.15
C LEU A 42 9.36 9.17 -19.95
N ALA A 43 9.39 9.84 -18.81
CA ALA A 43 9.76 9.21 -17.53
C ALA A 43 8.50 8.96 -16.71
N SER A 44 8.43 7.81 -16.05
CA SER A 44 7.32 7.45 -15.15
C SER A 44 7.89 7.07 -13.80
N SER A 45 7.22 7.49 -12.73
CA SER A 45 7.52 7.07 -11.35
C SER A 45 6.35 6.24 -10.85
N SER A 46 6.61 5.38 -9.87
CA SER A 46 5.58 4.45 -9.35
C SER A 46 5.76 4.18 -7.86
N ALA A 47 4.66 3.78 -7.23
CA ALA A 47 4.65 3.17 -5.89
C ALA A 47 5.57 1.93 -5.85
N ASP A 48 5.92 1.34 -7.00
CA ASP A 48 6.80 0.15 -7.08
C ASP A 48 8.28 0.52 -6.87
N LYS A 49 8.59 1.79 -6.55
CA LYS A 49 9.93 2.28 -6.16
C LYS A 49 10.79 2.48 -7.42
N LEU A 50 10.20 2.34 -8.61
CA LEU A 50 10.99 2.41 -9.86
C LEU A 50 10.65 3.66 -10.67
N ILE A 51 11.64 4.09 -11.46
CA ILE A 51 11.47 5.06 -12.56
C ILE A 51 11.63 4.26 -13.85
N LYS A 52 10.72 4.45 -14.79
CA LYS A 52 10.90 3.84 -16.14
C LYS A 52 10.99 4.94 -17.18
N ILE A 53 11.80 4.69 -18.20
CA ILE A 53 12.02 5.59 -19.33
C ILE A 53 11.47 4.88 -20.57
N TRP A 54 10.66 5.60 -21.33
CA TRP A 54 9.96 5.11 -22.56
C TRP A 54 10.21 6.09 -23.72
N GLY A 55 10.22 5.59 -24.95
CA GLY A 55 10.21 6.47 -26.11
C GLY A 55 8.93 7.28 -26.16
N ALA A 56 9.02 8.60 -26.29
CA ALA A 56 7.86 9.52 -26.30
C ALA A 56 6.99 9.30 -27.54
N TYR A 57 7.59 8.84 -28.64
CA TYR A 57 6.93 8.81 -29.97
C TYR A 57 6.33 7.44 -30.28
N ASP A 58 7.04 6.36 -29.95
CA ASP A 58 6.63 4.96 -30.28
C ASP A 58 6.34 4.17 -29.01
N GLY A 59 6.51 4.76 -27.83
CA GLY A 59 6.14 4.15 -26.53
C GLY A 59 7.05 3.01 -26.13
N LYS A 60 8.18 2.81 -26.81
CA LYS A 60 9.06 1.64 -26.59
C LYS A 60 9.77 1.77 -25.24
N PHE A 61 9.71 0.71 -24.42
CA PHE A 61 10.42 0.68 -23.11
C PHE A 61 11.92 0.84 -23.37
N GLU A 62 12.56 1.76 -22.63
CA GLU A 62 14.02 2.02 -22.77
C GLU A 62 14.77 1.42 -21.56
N LYS A 63 14.45 1.85 -20.34
CA LYS A 63 15.18 1.34 -19.15
C LYS A 63 14.40 1.57 -17.85
N THR A 64 14.80 0.81 -16.83
CA THR A 64 14.36 0.97 -15.42
C THR A 64 15.50 1.60 -14.62
N ILE A 65 15.17 2.61 -13.83
CA ILE A 65 16.12 3.25 -12.89
C ILE A 65 15.65 2.95 -11.46
N SER A 66 16.53 2.38 -10.65
CA SER A 66 16.17 1.81 -9.33
C SER A 66 17.14 2.32 -8.26
N GLY A 67 16.69 2.35 -7.00
CA GLY A 67 17.55 2.72 -5.87
C GLY A 67 16.76 3.27 -4.70
N HIS A 68 15.61 3.89 -4.92
CA HIS A 68 14.75 4.34 -3.80
C HIS A 68 14.32 3.13 -2.98
N LYS A 69 14.20 3.31 -1.65
CA LYS A 69 13.84 2.23 -0.70
C LYS A 69 12.32 2.07 -0.60
N LEU A 70 11.58 3.10 -0.97
CA LEU A 70 10.09 3.11 -0.92
C LEU A 70 9.56 3.79 -2.18
N GLY A 71 8.23 3.86 -2.28
CA GLY A 71 7.52 4.38 -3.45
C GLY A 71 7.96 5.79 -3.81
N ILE A 72 7.75 6.12 -5.08
CA ILE A 72 8.10 7.44 -5.64
C ILE A 72 6.80 8.17 -6.02
N SER A 73 6.65 9.42 -5.61
CA SER A 73 5.45 10.26 -5.89
C SER A 73 5.65 11.11 -7.15
N ASP A 74 6.88 11.44 -7.50
CA ASP A 74 7.11 12.44 -8.57
C ASP A 74 8.49 12.26 -9.17
N VAL A 75 8.63 12.71 -10.41
CA VAL A 75 9.92 12.74 -11.14
C VAL A 75 9.93 14.02 -11.97
N ALA A 76 11.10 14.55 -12.27
CA ALA A 76 11.21 15.79 -13.08
C ALA A 76 12.55 15.78 -13.81
N TRP A 77 12.57 16.36 -15.00
CA TRP A 77 13.76 16.43 -15.88
C TRP A 77 14.51 17.75 -15.72
N SER A 78 15.82 17.71 -15.89
CA SER A 78 16.64 18.92 -16.11
C SER A 78 16.38 19.42 -17.53
N SER A 79 16.65 20.69 -17.77
CA SER A 79 16.35 21.35 -19.06
C SER A 79 17.13 20.69 -20.22
N ASP A 80 18.32 20.16 -19.96
CA ASP A 80 19.15 19.50 -21.01
C ASP A 80 18.74 18.03 -21.17
N SER A 81 17.71 17.57 -20.46
CA SER A 81 17.16 16.19 -20.56
C SER A 81 18.16 15.14 -20.05
N ASN A 82 19.25 15.53 -19.39
CA ASN A 82 20.32 14.58 -19.00
C ASN A 82 20.13 14.09 -17.56
N LEU A 83 19.41 14.85 -16.73
CA LEU A 83 19.19 14.48 -15.31
C LEU A 83 17.71 14.30 -15.02
N LEU A 84 17.42 13.42 -14.07
CA LEU A 84 16.08 13.31 -13.45
C LEU A 84 16.25 13.55 -11.96
N VAL A 85 15.22 14.10 -11.33
CA VAL A 85 15.11 14.09 -9.85
C VAL A 85 13.83 13.32 -9.55
N SER A 86 13.85 12.55 -8.47
CA SER A 86 12.68 11.78 -7.98
C SER A 86 12.42 12.14 -6.52
N ALA A 87 11.15 12.09 -6.12
CA ALA A 87 10.69 12.39 -4.75
C ALA A 87 10.06 11.12 -4.17
N SER A 88 10.55 10.66 -3.02
CA SER A 88 10.18 9.32 -2.49
C SER A 88 9.64 9.37 -1.07
N ASP A 89 8.84 8.37 -0.75
CA ASP A 89 8.36 8.08 0.63
C ASP A 89 9.55 7.74 1.54
N ASP A 90 10.73 7.44 0.99
CA ASP A 90 11.95 7.16 1.80
C ASP A 90 12.53 8.47 2.37
N LYS A 91 11.83 9.60 2.19
CA LYS A 91 12.13 10.94 2.77
C LYS A 91 13.26 11.61 1.99
N THR A 92 13.71 11.01 0.88
CA THR A 92 14.82 11.56 0.09
C THR A 92 14.32 11.95 -1.30
N LEU A 93 15.08 12.83 -1.95
CA LEU A 93 15.08 12.91 -3.42
C LEU A 93 16.38 12.30 -3.93
N LYS A 94 16.34 11.79 -5.15
CA LYS A 94 17.58 11.33 -5.81
C LYS A 94 17.72 12.05 -7.14
N ILE A 95 18.96 12.46 -7.45
CA ILE A 95 19.32 13.01 -8.77
C ILE A 95 19.97 11.86 -9.56
N TRP A 96 19.49 11.62 -10.76
CA TRP A 96 19.91 10.49 -11.62
C TRP A 96 20.56 11.02 -12.90
N ASP A 97 21.64 10.34 -13.30
CA ASP A 97 22.19 10.44 -14.67
C ASP A 97 21.35 9.51 -15.55
N VAL A 98 20.52 10.06 -16.44
CA VAL A 98 19.54 9.23 -17.22
C VAL A 98 20.29 8.25 -18.12
N SER A 99 21.40 8.66 -18.71
CA SER A 99 22.16 7.84 -19.69
CA SER A 99 22.19 7.84 -19.68
C SER A 99 22.70 6.57 -19.00
N SER A 100 23.27 6.70 -17.80
CA SER A 100 23.90 5.58 -17.06
C SER A 100 22.90 4.92 -16.10
N GLY A 101 21.80 5.58 -15.77
CA GLY A 101 20.84 5.15 -14.74
C GLY A 101 21.39 5.27 -13.32
N LYS A 102 22.54 5.92 -13.13
CA LYS A 102 23.24 5.97 -11.82
C LYS A 102 22.68 7.11 -10.97
N CYS A 103 22.56 6.88 -9.67
CA CYS A 103 22.24 7.94 -8.67
C CYS A 103 23.48 8.80 -8.45
N LEU A 104 23.41 10.09 -8.78
CA LEU A 104 24.53 11.06 -8.59
C LEU A 104 24.50 11.63 -7.17
N LYS A 105 23.31 11.92 -6.63
CA LYS A 105 23.15 12.58 -5.30
C LYS A 105 21.87 12.05 -4.65
N THR A 106 21.93 11.87 -3.34
CA THR A 106 20.73 11.67 -2.49
C THR A 106 20.54 12.93 -1.64
N LEU A 107 19.40 13.58 -1.80
CA LEU A 107 19.04 14.85 -1.12
C LEU A 107 18.30 14.51 0.17
N LYS A 108 18.98 14.68 1.30
CA LYS A 108 18.47 14.30 2.64
C LYS A 108 18.17 15.57 3.42
N GLY A 109 17.04 15.62 4.11
CA GLY A 109 16.68 16.79 4.92
C GLY A 109 15.22 16.79 5.31
N HIS A 110 14.34 16.38 4.41
CA HIS A 110 12.90 16.23 4.75
C HIS A 110 12.76 15.21 5.87
N SER A 111 11.80 15.43 6.75
CA SER A 111 11.55 14.55 7.92
C SER A 111 10.38 13.60 7.64
N ASN A 112 9.82 13.63 6.43
CA ASN A 112 8.72 12.70 6.05
C ASN A 112 8.68 12.57 4.54
N TYR A 113 7.65 11.90 4.03
CA TYR A 113 7.53 11.57 2.60
C TYR A 113 7.79 12.83 1.75
N VAL A 114 8.54 12.67 0.66
CA VAL A 114 8.69 13.77 -0.33
C VAL A 114 7.65 13.52 -1.42
N PHE A 115 6.77 14.50 -1.64
CA PHE A 115 5.58 14.35 -2.53
C PHE A 115 5.84 14.89 -3.93
N CYS A 116 6.67 15.91 -4.08
CA CYS A 116 6.72 16.69 -5.33
C CYS A 116 8.09 17.31 -5.52
N CYS A 117 8.48 17.46 -6.78
CA CYS A 117 9.81 17.99 -7.13
C CYS A 117 9.83 18.61 -8.51
N ASN A 118 10.77 19.51 -8.70
CA ASN A 118 11.00 20.17 -10.01
C ASN A 118 12.37 20.80 -10.02
N PHE A 119 13.01 20.79 -11.18
CA PHE A 119 14.18 21.64 -11.46
C PHE A 119 13.70 23.04 -11.82
N ASN A 120 14.54 24.04 -11.57
CA ASN A 120 14.33 25.37 -12.21
C ASN A 120 14.77 25.27 -13.67
N PRO A 121 14.37 26.21 -14.55
CA PRO A 121 14.77 26.16 -15.95
C PRO A 121 16.30 26.08 -16.09
N GLN A 122 17.01 26.86 -15.29
CA GLN A 122 18.50 26.88 -15.25
C GLN A 122 19.02 25.47 -14.93
N SER A 123 18.25 24.74 -14.12
CA SER A 123 18.51 23.36 -13.63
C SER A 123 19.73 23.33 -12.69
N ASN A 124 20.06 24.46 -12.07
CA ASN A 124 21.06 24.49 -10.96
C ASN A 124 20.36 24.24 -9.62
N LEU A 125 19.03 24.38 -9.57
CA LEU A 125 18.24 24.16 -8.33
C LEU A 125 17.18 23.08 -8.54
N ILE A 126 16.86 22.43 -7.44
CA ILE A 126 15.64 21.58 -7.32
C ILE A 126 14.78 22.14 -6.20
N VAL A 127 13.47 22.18 -6.44
CA VAL A 127 12.50 22.49 -5.37
C VAL A 127 11.76 21.20 -5.02
N SER A 128 11.50 21.00 -3.74
CA SER A 128 10.76 19.82 -3.25
C SER A 128 9.67 20.25 -2.28
N GLY A 129 8.58 19.47 -2.22
CA GLY A 129 7.55 19.62 -1.18
C GLY A 129 7.30 18.30 -0.51
N SER A 130 6.99 18.35 0.78
CA SER A 130 6.92 17.14 1.63
C SER A 130 5.66 17.09 2.48
N PHE A 131 5.30 15.88 2.88
CA PHE A 131 4.34 15.62 3.98
C PHE A 131 4.76 16.41 5.22
N ASP A 132 6.05 16.73 5.38
CA ASP A 132 6.54 17.48 6.57
C ASP A 132 6.12 18.97 6.51
N GLU A 133 5.42 19.39 5.46
CA GLU A 133 4.75 20.72 5.34
C GLU A 133 5.76 21.80 4.93
N SER A 134 6.99 21.40 4.61
CA SER A 134 8.04 22.33 4.14
C SER A 134 8.23 22.22 2.63
N VAL A 135 8.76 23.30 2.09
CA VAL A 135 9.34 23.38 0.73
C VAL A 135 10.85 23.52 0.91
N ARG A 136 11.64 22.73 0.20
CA ARG A 136 13.11 22.88 0.27
C ARG A 136 13.63 23.22 -1.13
N ILE A 137 14.69 24.02 -1.14
CA ILE A 137 15.43 24.41 -2.37
C ILE A 137 16.83 23.83 -2.22
N TRP A 138 17.25 23.06 -3.23
CA TRP A 138 18.48 22.25 -3.21
C TRP A 138 19.42 22.72 -4.31
N ASP A 139 20.72 22.70 -4.01
CA ASP A 139 21.79 22.91 -5.01
C ASP A 139 22.04 21.58 -5.74
N VAL A 140 21.88 21.57 -7.07
CA VAL A 140 22.05 20.33 -7.90
C VAL A 140 23.52 19.88 -7.84
N LYS A 141 24.47 20.81 -7.97
CA LYS A 141 25.91 20.46 -8.08
C LYS A 141 26.38 19.77 -6.79
N THR A 142 26.01 20.27 -5.61
CA THR A 142 26.54 19.79 -4.31
C THR A 142 25.57 18.82 -3.64
N GLY A 143 24.29 18.87 -4.00
CA GLY A 143 23.22 18.09 -3.35
C GLY A 143 22.85 18.66 -1.99
N LYS A 144 23.30 19.87 -1.67
CA LYS A 144 23.06 20.52 -0.36
C LYS A 144 21.74 21.27 -0.37
N CYS A 145 21.02 21.23 0.76
CA CYS A 145 19.81 22.05 0.96
C CYS A 145 20.23 23.50 1.16
N LEU A 146 19.71 24.41 0.34
CA LEU A 146 20.04 25.86 0.44
C LEU A 146 19.04 26.56 1.35
N LYS A 147 17.76 26.21 1.26
CA LYS A 147 16.68 26.91 2.00
C LYS A 147 15.60 25.90 2.39
N THR A 148 15.04 26.06 3.58
CA THR A 148 13.82 25.37 4.05
C THR A 148 12.76 26.43 4.31
N LEU A 149 11.69 26.41 3.52
CA LEU A 149 10.56 27.37 3.62
C LEU A 149 9.50 26.72 4.51
N PRO A 150 9.03 27.40 5.58
CA PRO A 150 7.93 26.91 6.40
C PRO A 150 6.60 27.18 5.67
N ALA A 151 6.39 26.47 4.57
CA ALA A 151 5.51 26.92 3.48
C ALA A 151 4.03 26.75 3.86
N HIS A 152 3.68 25.67 4.53
CA HIS A 152 2.27 25.24 4.69
C HIS A 152 2.03 24.63 6.06
N SER A 153 0.76 24.42 6.38
CA SER A 153 0.32 23.80 7.66
C SER A 153 -0.31 22.43 7.41
N ASP A 154 -0.06 21.85 6.24
CA ASP A 154 -0.46 20.47 5.87
C ASP A 154 0.50 20.03 4.78
N PRO A 155 0.48 18.74 4.37
CA PRO A 155 1.39 18.29 3.33
C PRO A 155 1.36 19.18 2.08
N VAL A 156 2.55 19.35 1.51
CA VAL A 156 2.74 20.13 0.26
C VAL A 156 2.46 19.20 -0.93
N SER A 157 1.45 19.53 -1.71
CA SER A 157 0.96 18.69 -2.84
C SER A 157 1.70 18.97 -4.14
N ALA A 158 2.20 20.19 -4.34
CA ALA A 158 2.87 20.53 -5.62
C ALA A 158 3.85 21.68 -5.40
N VAL A 159 4.90 21.69 -6.22
CA VAL A 159 5.89 22.79 -6.28
C VAL A 159 6.30 22.96 -7.74
N HIS A 160 6.43 24.20 -8.18
CA HIS A 160 6.74 24.50 -9.60
C HIS A 160 7.48 25.81 -9.69
N PHE A 161 8.54 25.88 -10.49
CA PHE A 161 9.20 27.15 -10.83
C PHE A 161 8.47 27.79 -12.00
N ASN A 162 8.47 29.11 -12.05
CA ASN A 162 7.96 29.84 -13.23
C ASN A 162 9.02 29.80 -14.35
N ARG A 163 8.70 30.47 -15.45
CA ARG A 163 9.40 30.28 -16.76
C ARG A 163 10.86 30.75 -16.69
N ASP A 164 11.21 31.66 -15.79
CA ASP A 164 12.61 32.16 -15.67
C ASP A 164 13.25 31.72 -14.35
N GLY A 165 12.54 30.92 -13.53
CA GLY A 165 13.09 30.40 -12.28
C GLY A 165 13.04 31.40 -11.12
N SER A 166 12.54 32.62 -11.33
CA SER A 166 12.57 33.68 -10.29
C SER A 166 11.53 33.39 -9.21
N LEU A 167 10.47 32.64 -9.52
CA LEU A 167 9.37 32.36 -8.58
C LEU A 167 9.15 30.86 -8.43
N ILE A 168 8.67 30.48 -7.25
CA ILE A 168 8.13 29.12 -6.95
C ILE A 168 6.66 29.27 -6.57
N VAL A 169 5.81 28.37 -7.07
CA VAL A 169 4.43 28.26 -6.52
C VAL A 169 4.35 26.92 -5.77
N SER A 170 3.76 26.95 -4.59
CA SER A 170 3.48 25.73 -3.79
C SER A 170 1.99 25.66 -3.51
N SER A 171 1.48 24.44 -3.38
CA SER A 171 0.09 24.18 -2.96
C SER A 171 0.10 23.19 -1.80
N SER A 172 -0.98 23.20 -1.03
CA SER A 172 -1.11 22.28 0.12
C SER A 172 -2.56 21.92 0.36
N TYR A 173 -2.75 20.79 1.01
CA TYR A 173 -4.07 20.35 1.51
C TYR A 173 -4.59 21.32 2.59
N ASP A 174 -3.76 22.27 3.05
CA ASP A 174 -4.18 23.37 3.97
C ASP A 174 -5.09 24.37 3.25
N GLY A 175 -5.25 24.26 1.93
CA GLY A 175 -6.19 25.10 1.16
C GLY A 175 -5.53 26.31 0.52
N LEU A 176 -4.21 26.46 0.67
CA LEU A 176 -3.46 27.63 0.18
C LEU A 176 -2.60 27.29 -1.02
N CYS A 177 -2.44 28.28 -1.90
CA CYS A 177 -1.31 28.40 -2.85
C CYS A 177 -0.45 29.58 -2.41
N ARG A 178 0.87 29.39 -2.40
CA ARG A 178 1.81 30.48 -2.06
C ARG A 178 2.82 30.64 -3.19
N ILE A 179 3.15 31.91 -3.46
CA ILE A 179 4.16 32.31 -4.45
C ILE A 179 5.38 32.78 -3.65
N TRP A 180 6.55 32.21 -3.98
CA TRP A 180 7.83 32.45 -3.26
C TRP A 180 8.83 33.09 -4.22
N ASP A 181 9.62 34.01 -3.68
CA ASP A 181 10.82 34.53 -4.37
C ASP A 181 11.94 33.50 -4.23
N THR A 182 12.40 32.92 -5.35
CA THR A 182 13.44 31.86 -5.32
C THR A 182 14.70 32.35 -4.58
N ALA A 183 15.21 33.53 -4.93
CA ALA A 183 16.53 34.01 -4.45
C ALA A 183 16.53 34.17 -2.92
N SER A 184 15.42 34.64 -2.34
CA SER A 184 15.32 35.02 -0.90
C SER A 184 14.53 33.98 -0.10
N GLY A 185 13.70 33.17 -0.75
CA GLY A 185 12.79 32.24 -0.06
C GLY A 185 11.64 32.96 0.64
N GLN A 186 11.42 34.26 0.38
CA GLN A 186 10.33 35.02 1.05
C GLN A 186 9.02 34.79 0.28
N CYS A 187 7.91 34.74 1.02
CA CYS A 187 6.55 34.59 0.45
C CYS A 187 6.09 35.94 -0.12
N LEU A 188 5.78 35.98 -1.42
CA LEU A 188 5.30 37.19 -2.13
C LEU A 188 3.78 37.27 -2.08
N LYS A 189 3.07 36.15 -2.17
CA LYS A 189 1.59 36.16 -2.23
C LYS A 189 1.03 34.86 -1.65
N THR A 190 -0.05 34.97 -0.89
CA THR A 190 -0.92 33.82 -0.49
C THR A 190 -2.27 33.98 -1.20
N LEU A 191 -2.66 32.97 -1.99
CA LEU A 191 -4.00 32.93 -2.63
C LEU A 191 -4.97 32.14 -1.73
N ILE A 192 -6.05 32.79 -1.33
CA ILE A 192 -7.11 32.22 -0.44
C ILE A 192 -8.47 32.37 -1.12
N ASP A 194 -11.90 31.70 0.48
CA ASP A 194 -13.03 31.80 1.44
C ASP A 194 -13.53 30.39 1.79
N ASP A 195 -13.85 29.59 0.77
CA ASP A 195 -14.31 28.18 0.90
C ASP A 195 -13.15 27.30 1.37
N ASN A 196 -11.94 27.58 0.89
CA ASN A 196 -10.66 27.03 1.43
C ASN A 196 -10.56 25.52 1.18
N PRO A 197 -11.02 24.95 0.04
CA PRO A 197 -10.92 23.51 -0.16
C PRO A 197 -9.46 23.08 -0.29
N PRO A 198 -9.07 21.85 0.08
CA PRO A 198 -7.67 21.42 -0.04
C PRO A 198 -7.18 21.61 -1.48
N VAL A 199 -5.95 22.11 -1.63
CA VAL A 199 -5.32 22.29 -2.96
C VAL A 199 -4.40 21.11 -3.23
N SER A 200 -4.73 20.30 -4.25
CA SER A 200 -4.08 19.01 -4.52
C SER A 200 -3.01 19.15 -5.61
N PHE A 201 -3.01 20.25 -6.34
CA PHE A 201 -2.03 20.45 -7.43
C PHE A 201 -2.02 21.92 -7.81
N VAL A 202 -0.86 22.41 -8.23
CA VAL A 202 -0.73 23.77 -8.79
C VAL A 202 0.44 23.79 -9.77
N LYS A 203 0.35 24.65 -10.78
CA LYS A 203 1.51 24.97 -11.63
C LYS A 203 1.28 26.33 -12.26
N PHE A 204 2.37 26.99 -12.61
CA PHE A 204 2.34 28.23 -13.44
C PHE A 204 1.90 27.91 -14.86
N SER A 205 1.22 28.85 -15.50
CA SER A 205 1.00 28.85 -16.96
C SER A 205 2.36 28.98 -17.62
N PRO A 206 2.54 28.46 -18.86
CA PRO A 206 3.83 28.61 -19.55
C PRO A 206 4.27 30.08 -19.63
N ASN A 207 3.34 31.02 -19.77
CA ASN A 207 3.68 32.47 -19.88
C ASN A 207 3.94 33.08 -18.49
N GLY A 208 3.73 32.32 -17.40
CA GLY A 208 4.09 32.73 -16.03
C GLY A 208 3.12 33.71 -15.40
N LYS A 209 2.08 34.15 -16.11
CA LYS A 209 1.14 35.20 -15.60
C LYS A 209 0.05 34.56 -14.75
N TYR A 210 -0.20 33.27 -14.93
CA TYR A 210 -1.34 32.59 -14.27
C TYR A 210 -0.84 31.37 -13.50
N ILE A 211 -1.65 30.94 -12.54
CA ILE A 211 -1.47 29.61 -11.90
C ILE A 211 -2.76 28.82 -12.07
N LEU A 212 -2.61 27.55 -12.37
CA LEU A 212 -3.71 26.57 -12.43
C LEU A 212 -3.69 25.76 -11.13
N ALA A 213 -4.77 25.80 -10.37
CA ALA A 213 -4.88 25.11 -9.05
C ALA A 213 -6.02 24.09 -9.10
N ALA A 214 -5.73 22.87 -8.68
CA ALA A 214 -6.73 21.80 -8.49
C ALA A 214 -7.12 21.78 -7.01
N THR A 215 -8.42 21.80 -6.75
CA THR A 215 -8.97 21.68 -5.37
C THR A 215 -9.80 20.41 -5.27
N LEU A 216 -9.87 19.85 -4.08
CA LEU A 216 -10.53 18.53 -3.86
C LEU A 216 -12.05 18.70 -3.73
N ASP A 217 -12.61 19.68 -4.45
CA ASP A 217 -14.06 19.83 -4.71
C ASP A 217 -14.29 19.72 -6.22
N ASN A 218 -13.56 18.82 -6.89
CA ASN A 218 -13.84 18.45 -8.29
C ASN A 218 -13.69 19.68 -9.19
N THR A 219 -12.73 20.56 -8.90
CA THR A 219 -12.61 21.88 -9.58
C THR A 219 -11.15 22.22 -9.88
N LEU A 220 -10.89 22.75 -11.07
CA LEU A 220 -9.61 23.43 -11.42
C LEU A 220 -9.93 24.90 -11.61
N LYS A 221 -9.03 25.79 -11.18
CA LYS A 221 -9.23 27.25 -11.34
C LYS A 221 -7.95 27.86 -11.90
N LEU A 222 -8.13 28.77 -12.85
CA LEU A 222 -7.03 29.61 -13.39
C LEU A 222 -7.05 30.95 -12.66
N TRP A 223 -5.97 31.26 -11.95
CA TRP A 223 -5.81 32.48 -11.13
C TRP A 223 -4.80 33.43 -11.81
N ASP A 224 -5.15 34.73 -11.88
CA ASP A 224 -4.16 35.82 -12.00
C ASP A 224 -3.65 36.11 -10.59
N TYR A 225 -2.52 35.50 -10.19
CA TYR A 225 -2.02 35.50 -8.78
C TYR A 225 -1.57 36.92 -8.37
N SER A 226 -1.09 37.73 -9.32
CA SER A 226 -0.74 39.16 -9.09
C SER A 226 -1.99 39.93 -8.65
N LYS A 227 -3.09 39.78 -9.39
CA LYS A 227 -4.42 40.40 -9.08
C LYS A 227 -5.12 39.60 -7.99
N GLY A 228 -4.68 38.37 -7.72
CA GLY A 228 -5.34 37.45 -6.77
C GLY A 228 -6.79 37.19 -7.17
N LYS A 229 -7.06 37.15 -8.48
CA LYS A 229 -8.42 36.98 -9.05
C LYS A 229 -8.50 35.66 -9.82
N CYS A 230 -9.61 34.92 -9.64
CA CYS A 230 -9.93 33.69 -10.41
C CYS A 230 -10.56 34.08 -11.75
N LEU A 231 -9.98 33.67 -12.86
CA LEU A 231 -10.41 34.07 -14.23
C LEU A 231 -11.23 32.96 -14.89
N LYS A 232 -10.91 31.69 -14.61
CA LYS A 232 -11.57 30.53 -15.26
C LYS A 232 -11.77 29.42 -14.22
N THR A 233 -12.84 28.67 -14.40
CA THR A 233 -13.19 27.46 -13.60
C THR A 233 -13.43 26.31 -14.57
N TYR A 234 -12.82 25.16 -14.29
CA TYR A 234 -12.99 23.91 -15.07
C TYR A 234 -13.51 22.83 -14.11
N THR A 235 -14.59 22.18 -14.48
CA THR A 235 -15.21 21.14 -13.63
C THR A 235 -15.86 20.09 -14.52
N GLY A 236 -16.63 19.19 -13.92
CA GLY A 236 -17.28 18.07 -14.61
C GLY A 236 -16.51 16.77 -14.41
N HIS A 237 -15.27 16.85 -13.94
CA HIS A 237 -14.40 15.69 -13.62
C HIS A 237 -14.54 15.37 -12.14
N LYS A 238 -13.87 14.33 -11.67
CA LYS A 238 -13.91 13.93 -10.25
C LYS A 238 -12.51 14.10 -9.65
N ASN A 239 -12.41 14.87 -8.58
CA ASN A 239 -11.14 14.99 -7.82
C ASN A 239 -11.47 15.39 -6.39
N GLU A 240 -11.55 14.40 -5.49
CA GLU A 240 -11.80 14.68 -4.05
CA GLU A 240 -11.83 14.64 -4.05
C GLU A 240 -10.72 14.06 -3.16
N LYS A 241 -9.74 13.35 -3.72
CA LYS A 241 -8.72 12.64 -2.90
C LYS A 241 -7.28 12.94 -3.33
N TYR A 242 -6.95 12.72 -4.60
CA TYR A 242 -5.54 12.57 -5.04
C TYR A 242 -4.98 13.88 -5.58
N CYS A 243 -3.66 14.02 -5.45
CA CYS A 243 -2.87 14.93 -6.31
C CYS A 243 -2.94 14.39 -7.74
N ILE A 244 -3.69 15.06 -8.60
CA ILE A 244 -3.80 14.73 -10.04
C ILE A 244 -3.10 15.85 -10.82
N PHE A 245 -2.09 15.49 -11.58
CA PHE A 245 -1.32 16.45 -12.41
C PHE A 245 -2.24 16.97 -13.51
N ALA A 246 -2.24 18.29 -13.68
CA ALA A 246 -2.98 19.00 -14.73
C ALA A 246 -1.97 19.81 -15.55
N ASN A 247 -2.39 20.23 -16.73
CA ASN A 247 -1.45 20.84 -17.69
C ASN A 247 -2.13 21.89 -18.55
N PHE A 248 -1.32 22.81 -19.05
CA PHE A 248 -1.65 23.69 -20.19
C PHE A 248 -1.14 22.99 -21.45
N SER A 249 -2.04 22.63 -22.35
CA SER A 249 -1.66 22.12 -23.69
C SER A 249 -1.55 23.33 -24.62
N VAL A 250 -0.38 23.56 -25.21
CA VAL A 250 -0.10 24.82 -25.97
C VAL A 250 0.48 24.53 -27.36
N THR A 251 0.65 23.27 -27.74
CA THR A 251 1.28 22.93 -29.04
C THR A 251 0.31 23.16 -30.19
N GLY A 252 -0.98 22.97 -29.94
CA GLY A 252 -2.06 23.22 -30.91
C GLY A 252 -3.05 24.19 -30.35
N GLY A 253 -4.31 23.76 -30.21
CA GLY A 253 -5.33 24.56 -29.52
C GLY A 253 -4.95 24.75 -28.07
N LYS A 254 -5.47 25.78 -27.43
CA LYS A 254 -5.13 26.09 -26.02
C LYS A 254 -6.13 25.32 -25.13
N TRP A 255 -5.67 24.21 -24.55
CA TRP A 255 -6.50 23.33 -23.70
C TRP A 255 -5.96 23.32 -22.28
N ILE A 256 -6.84 22.90 -21.36
CA ILE A 256 -6.47 22.41 -20.02
C ILE A 256 -6.63 20.90 -20.05
N VAL A 257 -5.65 20.17 -19.54
CA VAL A 257 -5.66 18.68 -19.52
C VAL A 257 -5.49 18.21 -18.08
N SER A 258 -6.31 17.25 -17.66
CA SER A 258 -6.22 16.71 -16.28
C SER A 258 -6.62 15.25 -16.27
N GLY A 259 -6.12 14.53 -15.27
CA GLY A 259 -6.71 13.24 -14.88
C GLY A 259 -7.96 13.44 -14.09
N SER A 260 -8.51 12.34 -13.61
CA SER A 260 -9.83 12.31 -12.95
C SER A 260 -9.99 10.99 -12.21
N GLU A 261 -10.75 11.03 -11.12
CA GLU A 261 -11.07 9.84 -10.29
C GLU A 261 -12.21 9.03 -10.91
N ASP A 262 -12.71 9.42 -12.09
CA ASP A 262 -13.70 8.61 -12.87
C ASP A 262 -12.97 7.91 -14.03
N ASN A 263 -11.64 7.85 -13.99
CA ASN A 263 -10.80 6.98 -14.86
C ASN A 263 -10.67 7.59 -16.27
N LEU A 264 -11.02 8.86 -16.44
CA LEU A 264 -10.95 9.53 -17.77
C LEU A 264 -9.90 10.63 -17.76
N VAL A 265 -9.35 10.91 -18.93
CA VAL A 265 -8.56 12.15 -19.19
C VAL A 265 -9.55 13.21 -19.65
N TYR A 266 -9.57 14.35 -18.96
CA TYR A 266 -10.43 15.50 -19.31
C TYR A 266 -9.61 16.53 -20.06
N ILE A 267 -10.20 17.04 -21.14
CA ILE A 267 -9.63 18.17 -21.91
C ILE A 267 -10.69 19.26 -21.99
N TRP A 268 -10.33 20.46 -21.57
CA TRP A 268 -11.22 21.66 -21.62
C TRP A 268 -10.64 22.67 -22.61
N ASN A 269 -11.53 23.41 -23.24
CA ASN A 269 -11.17 24.68 -23.93
C ASN A 269 -10.78 25.68 -22.84
N LEU A 270 -9.53 26.16 -22.86
CA LEU A 270 -9.05 27.07 -21.78
C LEU A 270 -9.97 28.31 -21.71
N GLN A 271 -10.33 28.87 -22.86
CA GLN A 271 -11.09 30.14 -22.91
C GLN A 271 -12.57 29.90 -22.54
N THR A 272 -13.23 28.93 -23.17
CA THR A 272 -14.70 28.74 -23.05
C THR A 272 -15.02 27.90 -21.81
N LYS A 273 -14.04 27.14 -21.31
CA LYS A 273 -14.13 26.26 -20.11
C LYS A 273 -14.99 25.03 -20.41
N GLU A 274 -15.41 24.84 -21.65
CA GLU A 274 -16.22 23.66 -22.06
C GLU A 274 -15.32 22.42 -22.08
N ILE A 275 -15.85 21.28 -21.65
CA ILE A 275 -15.18 19.97 -21.88
C ILE A 275 -15.24 19.71 -23.39
N VAL A 276 -14.08 19.43 -24.01
CA VAL A 276 -13.99 19.20 -25.48
C VAL A 276 -13.64 17.73 -25.75
N GLN A 277 -13.06 17.02 -24.78
CA GLN A 277 -12.78 15.56 -24.92
C GLN A 277 -12.71 14.92 -23.54
N LYS A 278 -13.20 13.67 -23.46
CA LYS A 278 -12.94 12.75 -22.33
C LYS A 278 -12.33 11.49 -22.93
N LEU A 279 -11.07 11.19 -22.58
CA LEU A 279 -10.35 10.06 -23.19
C LEU A 279 -10.58 8.83 -22.33
N GLN A 280 -11.23 7.82 -22.92
CA GLN A 280 -11.63 6.58 -22.21
C GLN A 280 -10.59 5.48 -22.52
N GLY A 281 -10.30 4.64 -21.54
CA GLY A 281 -9.39 3.49 -21.72
C GLY A 281 -8.79 3.02 -20.41
N HIS A 282 -8.45 3.95 -19.51
CA HIS A 282 -7.85 3.58 -18.21
C HIS A 282 -8.89 2.85 -17.38
N THR A 283 -8.42 1.98 -16.49
CA THR A 283 -9.30 1.14 -15.63
C THR A 283 -9.12 1.51 -14.15
N ASP A 284 -8.52 2.66 -13.88
CA ASP A 284 -8.42 3.20 -12.50
C ASP A 284 -8.21 4.71 -12.61
N VAL A 285 -8.13 5.37 -11.46
CA VAL A 285 -7.95 6.84 -11.37
C VAL A 285 -6.78 7.24 -12.28
N VAL A 286 -7.03 8.22 -13.14
CA VAL A 286 -5.94 8.85 -13.94
C VAL A 286 -5.29 9.89 -13.03
N ILE A 287 -4.12 9.54 -12.51
CA ILE A 287 -3.36 10.27 -11.47
C ILE A 287 -2.48 11.33 -12.12
N SER A 288 -2.10 11.13 -13.37
CA SER A 288 -1.08 12.00 -14.01
C SER A 288 -1.38 12.14 -15.48
N THR A 289 -1.24 13.37 -15.96
CA THR A 289 -1.21 13.70 -17.41
C THR A 289 0.03 14.55 -17.65
N ALA A 290 0.55 14.47 -18.86
CA ALA A 290 1.65 15.33 -19.33
C ALA A 290 1.43 15.66 -20.80
N CYS A 291 1.90 16.83 -21.21
CA CYS A 291 1.79 17.31 -22.61
C CYS A 291 3.18 17.40 -23.23
N HIS A 292 3.32 16.82 -24.42
CA HIS A 292 4.61 16.79 -25.15
C HIS A 292 5.06 18.21 -25.48
N PRO A 293 6.37 18.52 -25.41
CA PRO A 293 6.83 19.89 -25.60
C PRO A 293 6.62 20.48 -27.00
N THR A 294 6.51 19.66 -28.05
CA THR A 294 6.40 20.19 -29.43
C THR A 294 5.23 19.58 -30.20
N GLU A 295 4.79 18.38 -29.86
CA GLU A 295 3.72 17.67 -30.62
C GLU A 295 2.44 17.63 -29.80
N ASN A 296 1.31 17.49 -30.48
CA ASN A 296 -0.02 17.32 -29.83
C ASN A 296 -0.12 15.89 -29.32
N ILE A 297 0.64 15.58 -28.27
CA ILE A 297 0.74 14.23 -27.68
C ILE A 297 0.54 14.39 -26.18
N ILE A 298 -0.35 13.56 -25.63
CA ILE A 298 -0.62 13.49 -24.17
C ILE A 298 -0.18 12.12 -23.67
N ALA A 299 0.46 12.09 -22.50
CA ALA A 299 0.67 10.85 -21.73
C ALA A 299 -0.26 10.90 -20.52
N SER A 300 -0.90 9.78 -20.21
CA SER A 300 -1.74 9.64 -19.01
C SER A 300 -1.30 8.39 -18.25
N ALA A 301 -1.52 8.35 -16.94
CA ALA A 301 -1.13 7.18 -16.13
C ALA A 301 -2.13 6.98 -15.00
N ALA A 302 -2.23 5.74 -14.53
CA ALA A 302 -3.35 5.36 -13.63
C ALA A 302 -2.86 4.58 -12.41
N LEU A 303 -3.77 4.44 -11.45
CA LEU A 303 -3.52 3.75 -10.16
C LEU A 303 -3.59 2.23 -10.33
N GLU A 304 -3.57 1.50 -9.21
CA GLU A 304 -3.07 0.10 -9.15
C GLU A 304 -3.98 -0.92 -9.86
N ASN A 305 -5.24 -0.61 -10.18
CA ASN A 305 -6.10 -1.56 -10.95
C ASN A 305 -5.73 -1.52 -12.42
N ASP A 306 -4.84 -0.60 -12.81
CA ASP A 306 -4.49 -0.31 -14.22
C ASP A 306 -2.97 -0.41 -14.36
N LYS A 307 -2.23 0.50 -13.72
CA LYS A 307 -0.75 0.51 -13.64
C LYS A 307 -0.12 0.81 -15.00
N THR A 308 -0.90 1.25 -15.99
CA THR A 308 -0.35 1.55 -17.34
C THR A 308 -0.24 3.05 -17.58
N ILE A 309 0.59 3.37 -18.56
CA ILE A 309 0.70 4.73 -19.15
C ILE A 309 0.10 4.64 -20.55
N LYS A 310 -0.69 5.64 -20.95
CA LYS A 310 -1.23 5.67 -22.33
C LYS A 310 -0.71 6.90 -23.05
N LEU A 311 -0.36 6.73 -24.32
CA LEU A 311 0.02 7.85 -25.21
C LEU A 311 -1.10 8.10 -26.21
N TRP A 312 -1.46 9.37 -26.35
CA TRP A 312 -2.61 9.85 -27.18
C TRP A 312 -2.09 10.91 -28.15
N LYS A 313 -2.65 10.97 -29.35
CA LYS A 313 -2.25 11.94 -30.41
C LYS A 313 -3.47 12.64 -30.98
N SER A 314 -3.34 13.94 -31.24
CA SER A 314 -4.39 14.81 -31.81
C SER A 314 -3.83 15.56 -33.01
N ASP A 315 -4.72 16.00 -33.91
CA ASP A 315 -4.38 16.80 -35.11
C ASP A 315 -4.32 18.28 -34.75
N CYS A 316 -4.81 18.68 -33.57
CA CYS A 316 -4.75 20.08 -33.07
C CYS A 316 -4.81 20.09 -31.54
N SER B 1 37.05 -34.73 27.10
CA SER B 1 36.22 -34.08 26.05
C SER B 1 36.16 -32.57 26.32
N ASN B 2 36.47 -31.77 25.30
CA ASN B 2 36.19 -30.31 25.31
C ASN B 2 34.68 -30.13 25.17
N ALA B 3 33.97 -30.06 26.30
CA ALA B 3 32.50 -30.03 26.35
C ALA B 3 32.09 -29.45 27.69
N SER B 4 30.83 -29.02 27.83
CA SER B 4 30.32 -28.48 29.11
C SER B 4 30.33 -29.57 30.19
N ALA B 5 30.43 -29.16 31.45
CA ALA B 5 30.43 -30.03 32.66
C ALA B 5 29.21 -30.95 32.65
N PRO B 12 15.55 -32.82 30.14
CA PRO B 12 14.44 -32.02 29.64
C PRO B 12 13.50 -32.77 28.69
N VAL B 13 12.20 -32.63 28.91
CA VAL B 13 11.16 -33.38 28.16
C VAL B 13 11.03 -32.79 26.75
N LYS B 14 10.72 -33.65 25.78
CA LYS B 14 10.32 -33.26 24.40
C LYS B 14 8.88 -33.71 24.20
N PRO B 15 8.12 -33.04 23.31
CA PRO B 15 6.77 -33.50 22.99
C PRO B 15 6.84 -34.77 22.15
N ASN B 16 5.73 -35.51 22.11
CA ASN B 16 5.61 -36.78 21.33
C ASN B 16 4.29 -36.74 20.55
N TYR B 17 4.04 -35.64 19.84
CA TYR B 17 2.86 -35.50 18.96
C TYR B 17 2.82 -36.70 18.01
N ALA B 18 1.64 -37.31 17.93
CA ALA B 18 1.34 -38.43 17.01
C ALA B 18 0.00 -38.16 16.33
N LEU B 19 -0.14 -38.63 15.10
CA LEU B 19 -1.34 -38.36 14.29
C LEU B 19 -2.54 -39.08 14.92
N LYS B 20 -3.65 -38.34 15.10
CA LYS B 20 -4.91 -38.92 15.66
C LYS B 20 -6.01 -38.92 14.60
N PHE B 21 -6.15 -37.85 13.81
CA PHE B 21 -7.21 -37.76 12.79
C PHE B 21 -6.72 -37.04 11.55
N THR B 22 -7.25 -37.44 10.40
CA THR B 22 -7.08 -36.71 9.12
C THR B 22 -8.47 -36.30 8.65
N LEU B 23 -8.68 -35.00 8.50
CA LEU B 23 -9.99 -34.38 8.22
C LEU B 23 -10.00 -34.00 6.73
N ALA B 24 -10.75 -34.72 5.92
CA ALA B 24 -10.88 -34.49 4.47
C ALA B 24 -12.22 -33.83 4.18
N GLY B 25 -12.25 -32.96 3.18
CA GLY B 25 -13.51 -32.32 2.77
C GLY B 25 -13.27 -31.12 1.88
N HIS B 26 -12.27 -30.31 2.20
CA HIS B 26 -11.93 -29.16 1.32
C HIS B 26 -11.49 -29.67 -0.05
N THR B 27 -11.86 -28.94 -1.10
CA THR B 27 -11.61 -29.38 -2.50
C THR B 27 -10.48 -28.55 -3.11
N LYS B 28 -9.96 -27.58 -2.36
CA LYS B 28 -8.79 -26.77 -2.75
C LYS B 28 -7.93 -26.57 -1.50
N ALA B 29 -6.82 -25.88 -1.66
CA ALA B 29 -5.85 -25.62 -0.58
C ALA B 29 -6.61 -25.15 0.67
N VAL B 30 -6.21 -25.66 1.83
CA VAL B 30 -6.64 -25.05 3.10
C VAL B 30 -5.75 -23.81 3.28
N SER B 31 -6.28 -22.78 3.90
CA SER B 31 -5.55 -21.51 4.13
C SER B 31 -5.32 -21.25 5.62
N SER B 32 -6.24 -21.66 6.50
CA SER B 32 -6.16 -21.30 7.94
C SER B 32 -6.99 -22.31 8.73
N VAL B 33 -6.47 -22.71 9.87
CA VAL B 33 -7.25 -23.48 10.87
C VAL B 33 -7.14 -22.77 12.21
N LYS B 34 -8.22 -22.79 12.97
CA LYS B 34 -8.26 -22.11 14.28
C LYS B 34 -9.14 -22.91 15.23
N PHE B 35 -8.67 -23.14 16.45
CA PHE B 35 -9.54 -23.74 17.50
C PHE B 35 -10.41 -22.64 18.10
N SER B 36 -11.65 -22.99 18.43
CA SER B 36 -12.54 -22.05 19.14
C SER B 36 -11.97 -21.82 20.53
N PRO B 37 -12.15 -20.63 21.11
CA PRO B 37 -11.64 -20.37 22.46
C PRO B 37 -12.13 -21.36 23.53
N ASN B 38 -13.33 -21.90 23.35
CA ASN B 38 -13.91 -22.87 24.31
C ASN B 38 -13.35 -24.29 24.05
N GLY B 39 -12.49 -24.46 23.04
CA GLY B 39 -11.81 -25.74 22.76
C GLY B 39 -12.65 -26.74 21.97
N GLU B 40 -13.91 -26.46 21.72
CA GLU B 40 -14.87 -27.48 21.21
C GLU B 40 -14.62 -27.74 19.73
N TRP B 41 -14.24 -26.72 18.98
CA TRP B 41 -14.31 -26.77 17.50
C TRP B 41 -12.95 -26.41 16.89
N LEU B 42 -12.72 -26.96 15.71
CA LEU B 42 -11.74 -26.41 14.75
C LEU B 42 -12.52 -25.79 13.61
N ALA B 43 -12.19 -24.54 13.23
CA ALA B 43 -12.70 -23.92 11.99
C ALA B 43 -11.58 -23.94 10.95
N SER B 44 -11.91 -24.29 9.71
CA SER B 44 -10.95 -24.27 8.59
C SER B 44 -11.50 -23.39 7.48
N SER B 45 -10.62 -22.61 6.85
CA SER B 45 -10.94 -21.80 5.66
C SER B 45 -10.16 -22.36 4.47
N SER B 46 -10.65 -22.16 3.26
CA SER B 46 -10.03 -22.74 2.05
C SER B 46 -10.19 -21.81 0.84
N ALA B 47 -9.31 -22.02 -0.12
CA ALA B 47 -9.41 -21.46 -1.48
C ALA B 47 -10.73 -21.92 -2.13
N ASP B 48 -11.37 -22.99 -1.62
CA ASP B 48 -12.64 -23.51 -2.18
C ASP B 48 -13.84 -22.64 -1.78
N LYS B 49 -13.61 -21.50 -1.11
CA LYS B 49 -14.64 -20.47 -0.79
C LYS B 49 -15.44 -20.88 0.44
N LEU B 50 -15.04 -21.96 1.11
CA LEU B 50 -15.83 -22.54 2.22
C LEU B 50 -15.10 -22.39 3.55
N ILE B 51 -15.91 -22.32 4.60
CA ILE B 51 -15.49 -22.56 5.99
C ILE B 51 -16.06 -23.92 6.40
N LYS B 52 -15.26 -24.74 7.04
CA LYS B 52 -15.77 -26.00 7.64
C LYS B 52 -15.51 -26.00 9.14
N ILE B 53 -16.45 -26.59 9.88
CA ILE B 53 -16.40 -26.70 11.36
C ILE B 53 -16.29 -28.18 11.68
N TRP B 54 -15.34 -28.51 12.56
CA TRP B 54 -15.00 -29.89 12.93
C TRP B 54 -14.94 -30.01 14.44
N GLY B 55 -15.30 -31.17 14.98
CA GLY B 55 -15.07 -31.44 16.41
C GLY B 55 -13.58 -31.49 16.71
N ALA B 56 -13.13 -30.76 17.72
CA ALA B 56 -11.69 -30.65 18.06
C ALA B 56 -11.12 -31.97 18.58
N TYR B 57 -11.96 -32.81 19.19
CA TYR B 57 -11.50 -33.98 19.98
C TYR B 57 -11.75 -35.30 19.25
N ASP B 58 -12.78 -35.36 18.40
CA ASP B 58 -13.13 -36.57 17.62
C ASP B 58 -12.94 -36.31 16.12
N GLY B 59 -12.58 -35.10 15.71
CA GLY B 59 -12.38 -34.76 14.30
C GLY B 59 -13.66 -34.80 13.47
N LYS B 60 -14.83 -34.92 14.10
CA LYS B 60 -16.09 -35.16 13.37
C LYS B 60 -16.49 -33.91 12.59
N PHE B 61 -16.74 -34.05 11.31
CA PHE B 61 -17.26 -32.94 10.48
C PHE B 61 -18.62 -32.49 11.04
N GLU B 62 -18.79 -31.18 11.25
CA GLU B 62 -20.05 -30.60 11.78
C GLU B 62 -20.84 -29.90 10.68
N LYS B 63 -20.23 -28.94 9.98
CA LYS B 63 -20.99 -28.19 8.95
C LYS B 63 -20.05 -27.39 8.04
N THR B 64 -20.60 -27.04 6.89
CA THR B 64 -19.98 -26.16 5.90
C THR B 64 -20.69 -24.81 5.96
N ILE B 65 -19.92 -23.74 5.95
CA ILE B 65 -20.44 -22.34 5.95
C ILE B 65 -20.04 -21.71 4.62
N SER B 66 -21.00 -21.25 3.84
CA SER B 66 -20.77 -20.79 2.45
C SER B 66 -21.36 -19.39 2.25
N GLY B 67 -20.78 -18.66 1.30
CA GLY B 67 -21.35 -17.40 0.82
C GLY B 67 -20.31 -16.49 0.19
N HIS B 68 -19.03 -16.62 0.55
CA HIS B 68 -17.97 -15.86 -0.15
C HIS B 68 -17.98 -16.23 -1.63
N LYS B 69 -17.66 -15.26 -2.49
CA LYS B 69 -17.68 -15.43 -3.96
C LYS B 69 -16.33 -15.93 -4.47
N LEU B 70 -15.28 -15.79 -3.68
CA LEU B 70 -13.91 -16.23 -4.02
C LEU B 70 -13.26 -16.86 -2.78
N GLY B 71 -12.03 -17.32 -2.93
CA GLY B 71 -11.32 -18.07 -1.87
C GLY B 71 -11.18 -17.27 -0.59
N ILE B 72 -11.00 -17.99 0.51
CA ILE B 72 -10.83 -17.41 1.86
C ILE B 72 -9.38 -17.66 2.33
N SER B 73 -8.72 -16.61 2.82
CA SER B 73 -7.33 -16.69 3.34
C SER B 73 -7.30 -16.94 4.85
N ASP B 74 -8.34 -16.56 5.59
CA ASP B 74 -8.26 -16.57 7.07
C ASP B 74 -9.66 -16.63 7.66
N VAL B 75 -9.75 -17.23 8.84
CA VAL B 75 -10.98 -17.26 9.65
C VAL B 75 -10.56 -17.04 11.09
N ALA B 76 -11.43 -16.47 11.91
CA ALA B 76 -11.13 -16.21 13.33
C ALA B 76 -12.42 -16.28 14.15
N TRP B 77 -12.28 -16.64 15.41
CA TRP B 77 -13.41 -16.83 16.34
C TRP B 77 -13.59 -15.61 17.24
N SER B 78 -14.82 -15.34 17.62
CA SER B 78 -15.15 -14.42 18.73
C SER B 78 -14.84 -15.11 20.07
N SER B 79 -14.70 -14.32 21.13
CA SER B 79 -14.23 -14.84 22.44
CA SER B 79 -14.24 -14.83 22.45
C SER B 79 -15.23 -15.84 23.04
N ASP B 80 -16.51 -15.69 22.73
CA ASP B 80 -17.60 -16.59 23.24
C ASP B 80 -17.80 -17.80 22.31
N SER B 81 -16.98 -17.95 21.27
CA SER B 81 -17.02 -19.11 20.34
C SER B 81 -18.33 -19.15 19.55
N ASN B 82 -19.08 -18.04 19.48
CA ASN B 82 -20.40 -18.02 18.81
C ASN B 82 -20.31 -17.45 17.38
N LEU B 83 -19.29 -16.63 17.09
CA LEU B 83 -19.16 -15.94 15.79
C LEU B 83 -17.82 -16.32 15.16
N LEU B 84 -17.83 -16.32 13.83
CA LEU B 84 -16.60 -16.36 13.02
C LEU B 84 -16.54 -15.10 12.16
N VAL B 85 -15.34 -14.70 11.82
CA VAL B 85 -15.10 -13.72 10.74
C VAL B 85 -14.17 -14.39 9.73
N SER B 86 -14.41 -14.13 8.46
CA SER B 86 -13.58 -14.67 7.36
C SER B 86 -13.09 -13.51 6.49
N ALA B 87 -11.90 -13.70 5.92
CA ALA B 87 -11.24 -12.73 5.02
C ALA B 87 -11.11 -13.37 3.64
N SER B 88 -11.62 -12.71 2.60
CA SER B 88 -11.75 -13.33 1.27
C SER B 88 -11.09 -12.50 0.16
N ASP B 89 -10.73 -13.20 -0.91
CA ASP B 89 -10.30 -12.60 -2.20
C ASP B 89 -11.43 -11.78 -2.82
N ASP B 90 -12.69 -11.95 -2.39
CA ASP B 90 -13.82 -11.15 -2.93
C ASP B 90 -13.81 -9.72 -2.34
N LYS B 91 -12.77 -9.37 -1.58
CA LYS B 91 -12.48 -8.01 -1.04
C LYS B 91 -13.34 -7.73 0.19
N THR B 92 -14.06 -8.73 0.69
CA THR B 92 -14.93 -8.56 1.88
C THR B 92 -14.46 -9.44 3.03
N LEU B 93 -14.88 -9.05 4.23
CA LEU B 93 -14.96 -10.00 5.35
C LEU B 93 -16.44 -10.31 5.58
N LYS B 94 -16.71 -11.48 6.13
CA LYS B 94 -18.09 -11.84 6.53
C LYS B 94 -18.06 -12.26 8.00
N ILE B 95 -19.07 -11.82 8.73
CA ILE B 95 -19.31 -12.26 10.12
C ILE B 95 -20.39 -13.33 10.05
N TRP B 96 -20.12 -14.46 10.69
CA TRP B 96 -21.01 -15.66 10.64
C TRP B 96 -21.50 -16.01 12.03
N ASP B 97 -22.77 -16.39 12.12
CA ASP B 97 -23.34 -17.09 13.29
C ASP B 97 -22.97 -18.56 13.15
N VAL B 98 -22.14 -19.09 14.03
CA VAL B 98 -21.65 -20.50 13.93
C VAL B 98 -22.85 -21.46 14.05
N SER B 99 -23.77 -21.20 14.97
CA SER B 99 -24.91 -22.12 15.25
C SER B 99 -25.79 -22.28 14.01
N SER B 100 -26.09 -21.18 13.31
CA SER B 100 -27.02 -21.17 12.14
C SER B 100 -26.25 -21.31 10.82
N GLY B 101 -24.97 -20.95 10.79
CA GLY B 101 -24.17 -20.87 9.55
C GLY B 101 -24.52 -19.66 8.70
N LYS B 102 -25.37 -18.75 9.22
CA LYS B 102 -25.84 -17.58 8.45
C LYS B 102 -24.79 -16.45 8.51
N CYS B 103 -24.67 -15.75 7.40
CA CYS B 103 -23.89 -14.50 7.31
C CYS B 103 -24.69 -13.37 7.97
N LEU B 104 -24.14 -12.77 9.03
CA LEU B 104 -24.79 -11.66 9.78
C LEU B 104 -24.46 -10.32 9.11
N LYS B 105 -23.21 -10.16 8.68
CA LYS B 105 -22.69 -8.88 8.12
C LYS B 105 -21.66 -9.19 7.02
N THR B 106 -21.64 -8.34 6.00
CA THR B 106 -20.54 -8.30 5.00
C THR B 106 -19.82 -6.96 5.17
N LEU B 107 -18.52 -7.03 5.46
CA LEU B 107 -17.67 -5.86 5.76
C LEU B 107 -17.00 -5.43 4.45
N LYS B 108 -17.49 -4.33 3.89
CA LYS B 108 -17.05 -3.80 2.57
C LYS B 108 -16.22 -2.55 2.78
N GLY B 109 -15.08 -2.46 2.10
CA GLY B 109 -14.24 -1.24 2.14
C GLY B 109 -12.87 -1.48 1.56
N HIS B 110 -12.27 -2.63 1.79
CA HIS B 110 -10.95 -2.97 1.20
C HIS B 110 -11.09 -2.93 -0.33
N SER B 111 -10.03 -2.50 -1.01
CA SER B 111 -10.02 -2.35 -2.48
C SER B 111 -9.34 -3.56 -3.13
N ASN B 112 -8.92 -4.56 -2.35
CA ASN B 112 -8.33 -5.79 -2.93
C ASN B 112 -8.49 -6.92 -1.91
N TYR B 113 -7.86 -8.06 -2.21
CA TYR B 113 -8.02 -9.29 -1.41
C TYR B 113 -7.84 -8.95 0.06
N VAL B 114 -8.68 -9.55 0.91
CA VAL B 114 -8.48 -9.45 2.38
C VAL B 114 -7.73 -10.70 2.80
N PHE B 115 -6.60 -10.55 3.48
CA PHE B 115 -5.65 -11.66 3.76
C PHE B 115 -5.79 -12.17 5.20
N CYS B 116 -6.21 -11.32 6.14
CA CYS B 116 -6.07 -11.67 7.57
C CYS B 116 -7.10 -10.94 8.40
N CYS B 117 -7.51 -11.56 9.50
CA CYS B 117 -8.60 -11.03 10.33
C CYS B 117 -8.55 -11.58 11.74
N ASN B 118 -9.07 -10.81 12.69
CA ASN B 118 -9.16 -11.24 14.11
C ASN B 118 -10.20 -10.39 14.83
N PHE B 119 -10.88 -10.99 15.79
CA PHE B 119 -11.70 -10.26 16.77
C PHE B 119 -10.78 -9.77 17.90
N ASN B 120 -11.19 -8.68 18.56
CA ASN B 120 -10.58 -8.29 19.85
C ASN B 120 -11.16 -9.16 20.96
N PRO B 121 -10.52 -9.21 22.15
CA PRO B 121 -11.05 -10.02 23.25
C PRO B 121 -12.51 -9.70 23.61
N GLN B 122 -12.88 -8.44 23.63
CA GLN B 122 -14.29 -8.05 23.89
C GLN B 122 -15.18 -8.60 22.78
N SER B 123 -14.63 -8.65 21.57
CA SER B 123 -15.26 -9.16 20.32
C SER B 123 -16.33 -8.17 19.84
N ASN B 124 -16.18 -6.90 20.20
CA ASN B 124 -16.98 -5.79 19.60
C ASN B 124 -16.27 -5.25 18.35
N LEU B 125 -14.99 -5.56 18.16
CA LEU B 125 -14.21 -5.08 16.99
C LEU B 125 -13.64 -6.26 16.21
N ILE B 126 -13.46 -6.03 14.91
CA ILE B 126 -12.65 -6.91 14.02
C ILE B 126 -11.53 -6.05 13.43
N VAL B 127 -10.34 -6.63 13.36
CA VAL B 127 -9.22 -6.03 12.59
C VAL B 127 -9.01 -6.89 11.34
N SER B 128 -8.71 -6.23 10.23
CA SER B 128 -8.43 -6.91 8.93
C SER B 128 -7.17 -6.30 8.30
N GLY B 129 -6.46 -7.12 7.53
CA GLY B 129 -5.34 -6.66 6.69
C GLY B 129 -5.55 -7.11 5.27
N SER B 130 -5.09 -6.32 4.30
CA SER B 130 -5.42 -6.56 2.87
C SER B 130 -4.19 -6.39 1.99
N PHE B 131 -4.26 -7.00 0.82
CA PHE B 131 -3.35 -6.73 -0.32
C PHE B 131 -3.30 -5.22 -0.59
N ASP B 132 -4.38 -4.48 -0.27
CA ASP B 132 -4.47 -3.02 -0.52
C ASP B 132 -3.57 -2.23 0.46
N GLU B 133 -2.83 -2.90 1.34
CA GLU B 133 -1.73 -2.34 2.17
C GLU B 133 -2.32 -1.60 3.38
N SER B 134 -3.63 -1.69 3.59
CA SER B 134 -4.31 -1.05 4.74
C SER B 134 -4.64 -2.10 5.81
N VAL B 135 -4.77 -1.61 7.03
CA VAL B 135 -5.42 -2.31 8.16
C VAL B 135 -6.74 -1.58 8.41
N ARG B 136 -7.84 -2.32 8.57
CA ARG B 136 -9.16 -1.71 8.88
C ARG B 136 -9.65 -2.26 10.21
N ILE B 137 -10.31 -1.39 10.98
CA ILE B 137 -10.96 -1.74 12.25
C ILE B 137 -12.45 -1.57 12.03
N TRP B 138 -13.22 -2.60 12.38
CA TRP B 138 -14.66 -2.71 12.04
C TRP B 138 -15.47 -2.86 13.32
N ASP B 139 -16.65 -2.25 13.31
CA ASP B 139 -17.66 -2.44 14.38
C ASP B 139 -18.44 -3.72 14.08
N VAL B 140 -18.40 -4.70 14.97
CA VAL B 140 -19.06 -6.01 14.78
C VAL B 140 -20.58 -5.82 14.68
N LYS B 141 -21.18 -4.98 15.53
CA LYS B 141 -22.66 -4.86 15.62
C LYS B 141 -23.21 -4.26 14.32
N THR B 142 -22.60 -3.19 13.80
CA THR B 142 -23.12 -2.44 12.62
C THR B 142 -22.50 -2.97 11.33
N GLY B 143 -21.34 -3.62 11.40
CA GLY B 143 -20.59 -4.07 10.21
C GLY B 143 -19.94 -2.92 9.46
N LYS B 144 -19.86 -1.74 10.07
CA LYS B 144 -19.26 -0.57 9.39
C LYS B 144 -17.81 -0.39 9.82
N CYS B 145 -17.01 0.16 8.91
CA CYS B 145 -15.57 0.40 9.12
C CYS B 145 -15.43 1.63 10.02
N LEU B 146 -14.74 1.49 11.15
CA LEU B 146 -14.48 2.59 12.11
C LEU B 146 -13.23 3.36 11.70
N LYS B 147 -12.19 2.65 11.27
CA LYS B 147 -10.87 3.28 10.95
C LYS B 147 -10.20 2.52 9.82
N THR B 148 -9.52 3.27 8.96
CA THR B 148 -8.61 2.73 7.91
C THR B 148 -7.21 3.26 8.22
N LEU B 149 -6.30 2.35 8.53
CA LEU B 149 -4.89 2.70 8.87
C LEU B 149 -4.04 2.50 7.63
N PRO B 150 -3.27 3.53 7.21
CA PRO B 150 -2.34 3.38 6.08
C PRO B 150 -1.09 2.65 6.58
N ALA B 151 -1.24 1.36 6.88
CA ALA B 151 -0.37 0.64 7.82
C ALA B 151 0.98 0.30 7.19
N HIS B 152 0.99 -0.05 5.91
CA HIS B 152 2.15 -0.70 5.26
C HIS B 152 2.28 -0.23 3.80
N SER B 153 3.40 -0.57 3.19
CA SER B 153 3.71 -0.21 1.78
C SER B 153 3.77 -1.48 0.90
N ASP B 154 3.18 -2.56 1.39
CA ASP B 154 3.00 -3.83 0.65
C ASP B 154 1.84 -4.56 1.33
N PRO B 155 1.31 -5.66 0.75
CA PRO B 155 0.21 -6.38 1.37
C PRO B 155 0.46 -6.69 2.86
N VAL B 156 -0.61 -6.61 3.63
CA VAL B 156 -0.60 -6.91 5.09
C VAL B 156 -0.82 -8.42 5.26
N SER B 157 0.15 -9.09 5.86
CA SER B 157 0.20 -10.57 5.94
C SER B 157 -0.50 -11.06 7.21
N ALA B 158 -0.56 -10.25 8.26
CA ALA B 158 -1.18 -10.71 9.54
C ALA B 158 -1.60 -9.50 10.36
N VAL B 159 -2.64 -9.71 11.17
CA VAL B 159 -3.13 -8.69 12.15
C VAL B 159 -3.59 -9.45 13.40
N HIS B 160 -3.25 -8.95 14.57
CA HIS B 160 -3.57 -9.66 15.83
C HIS B 160 -3.78 -8.62 16.93
N PHE B 161 -4.79 -8.80 17.75
CA PHE B 161 -4.96 -7.99 18.98
C PHE B 161 -4.15 -8.64 20.11
N ASN B 162 -3.67 -7.81 21.04
CA ASN B 162 -3.06 -8.31 22.29
C ASN B 162 -4.16 -8.76 23.25
N ARG B 163 -3.73 -9.15 24.46
CA ARG B 163 -4.54 -9.90 25.45
C ARG B 163 -5.79 -9.11 25.84
N ASP B 164 -5.73 -7.78 25.81
CA ASP B 164 -6.90 -6.97 26.22
C ASP B 164 -7.47 -6.15 25.05
N GLY B 165 -6.90 -6.26 23.85
CA GLY B 165 -7.41 -5.55 22.67
C GLY B 165 -6.94 -4.11 22.56
N SER B 166 -6.10 -3.63 23.49
CA SER B 166 -5.60 -2.23 23.47
C SER B 166 -4.62 -2.02 22.31
N LEU B 167 -3.94 -3.07 21.86
CA LEU B 167 -2.93 -3.00 20.77
C LEU B 167 -3.30 -3.94 19.64
N ILE B 168 -2.92 -3.53 18.43
CA ILE B 168 -2.91 -4.38 17.22
C ILE B 168 -1.47 -4.51 16.77
N VAL B 169 -1.04 -5.73 16.45
CA VAL B 169 0.24 -5.92 15.72
C VAL B 169 -0.11 -6.28 14.28
N SER B 170 0.58 -5.65 13.33
CA SER B 170 0.44 -5.94 11.89
C SER B 170 1.82 -6.29 11.31
N SER B 171 1.81 -7.13 10.28
CA SER B 171 3.03 -7.48 9.53
C SER B 171 2.78 -7.29 8.04
N SER B 172 3.84 -7.09 7.30
CA SER B 172 3.74 -6.88 5.84
C SER B 172 4.97 -7.42 5.13
N TYR B 173 4.78 -7.79 3.87
CA TYR B 173 5.90 -8.12 2.96
C TYR B 173 6.82 -6.91 2.77
N ASP B 174 6.45 -5.71 3.27
CA ASP B 174 7.33 -4.51 3.25
C ASP B 174 8.50 -4.68 4.22
N GLY B 175 8.48 -5.72 5.06
CA GLY B 175 9.57 -6.05 6.01
C GLY B 175 9.34 -5.47 7.38
N LEU B 176 8.19 -4.82 7.61
CA LEU B 176 7.88 -4.16 8.90
C LEU B 176 6.86 -4.95 9.71
N CYS B 177 7.05 -4.88 11.01
CA CYS B 177 6.01 -5.18 12.03
CA CYS B 177 6.02 -5.19 12.02
C CYS B 177 5.66 -3.87 12.73
N ARG B 178 4.39 -3.53 12.80
CA ARG B 178 3.96 -2.28 13.45
C ARG B 178 2.96 -2.58 14.56
N ILE B 179 3.05 -1.83 15.66
CA ILE B 179 2.10 -1.95 16.79
C ILE B 179 1.27 -0.66 16.83
N TRP B 180 -0.05 -0.83 16.82
CA TRP B 180 -1.06 0.24 16.70
C TRP B 180 -1.84 0.33 18.00
N ASP B 181 -2.12 1.56 18.42
CA ASP B 181 -3.09 1.82 19.50
C ASP B 181 -4.49 1.63 18.91
N THR B 182 -5.24 0.62 19.39
CA THR B 182 -6.57 0.32 18.82
C THR B 182 -7.49 1.55 18.88
N ALA B 183 -7.54 2.23 20.03
CA ALA B 183 -8.55 3.28 20.27
C ALA B 183 -8.38 4.44 19.29
N SER B 184 -7.14 4.81 18.94
CA SER B 184 -6.81 6.01 18.12
C SER B 184 -6.43 5.62 16.70
N GLY B 185 -5.99 4.38 16.49
CA GLY B 185 -5.45 3.94 15.18
C GLY B 185 -4.06 4.48 14.92
N GLN B 186 -3.41 5.11 15.90
CA GLN B 186 -2.06 5.69 15.69
C GLN B 186 -0.99 4.63 15.99
N CYS B 187 0.15 4.74 15.30
CA CYS B 187 1.29 3.80 15.41
C CYS B 187 2.07 4.08 16.70
N LEU B 188 2.24 3.05 17.54
CA LEU B 188 3.05 3.15 18.78
C LEU B 188 4.50 2.75 18.54
N LYS B 189 4.75 1.80 17.63
CA LYS B 189 6.11 1.24 17.45
C LYS B 189 6.23 0.55 16.11
N THR B 190 7.40 0.70 15.48
CA THR B 190 7.86 -0.13 14.33
C THR B 190 9.04 -0.99 14.78
N LEU B 191 8.95 -2.32 14.64
CA LEU B 191 10.12 -3.24 14.75
C LEU B 191 10.77 -3.39 13.37
N ILE B 192 12.08 -3.13 13.27
CA ILE B 192 12.87 -3.35 12.02
C ILE B 192 14.13 -4.15 12.33
N ASP B 195 18.03 -5.53 7.86
CA ASP B 195 17.89 -6.35 6.61
C ASP B 195 16.44 -6.34 6.10
N ASN B 196 15.47 -6.15 6.99
CA ASN B 196 14.01 -6.06 6.70
C ASN B 196 13.57 -7.08 5.66
N PRO B 197 13.77 -8.40 5.89
CA PRO B 197 13.18 -9.41 5.01
C PRO B 197 11.66 -9.34 5.13
N PRO B 198 10.90 -9.75 4.10
CA PRO B 198 9.45 -9.67 4.15
C PRO B 198 8.89 -10.40 5.37
N VAL B 199 7.97 -9.76 6.07
CA VAL B 199 7.32 -10.36 7.26
C VAL B 199 6.00 -11.01 6.84
N SER B 200 5.92 -12.33 6.96
CA SER B 200 4.81 -13.15 6.40
C SER B 200 3.77 -13.47 7.47
N PHE B 201 4.09 -13.29 8.74
CA PHE B 201 3.15 -13.62 9.83
C PHE B 201 3.62 -12.95 11.11
N VAL B 202 2.68 -12.57 11.96
CA VAL B 202 2.98 -12.05 13.32
C VAL B 202 1.82 -12.37 14.24
N LYS B 203 2.12 -12.53 15.52
CA LYS B 203 1.08 -12.57 16.57
C LYS B 203 1.72 -12.26 17.92
N PHE B 204 0.90 -11.78 18.83
CA PHE B 204 1.29 -11.63 20.25
C PHE B 204 1.34 -13.01 20.92
N SER B 205 2.18 -13.13 21.94
CA SER B 205 2.15 -14.26 22.90
C SER B 205 0.84 -14.20 23.68
N PRO B 206 0.39 -15.32 24.29
CA PRO B 206 -0.80 -15.26 25.14
C PRO B 206 -0.79 -14.13 26.21
N ASN B 207 0.36 -13.83 26.81
CA ASN B 207 0.46 -12.80 27.91
C ASN B 207 0.58 -11.40 27.30
N GLY B 208 0.74 -11.29 25.98
CA GLY B 208 0.78 -10.00 25.25
C GLY B 208 2.10 -9.28 25.39
N LYS B 209 3.09 -9.90 26.03
CA LYS B 209 4.39 -9.24 26.36
C LYS B 209 5.37 -9.44 25.19
N TYR B 210 5.16 -10.48 24.39
CA TYR B 210 6.09 -10.87 23.30
C TYR B 210 5.34 -10.94 21.98
N ILE B 211 6.10 -10.84 20.90
CA ILE B 211 5.59 -10.93 19.51
C ILE B 211 6.41 -12.00 18.79
N LEU B 212 5.74 -12.92 18.12
CA LEU B 212 6.37 -13.94 17.26
C LEU B 212 6.19 -13.51 15.81
N ALA B 213 7.27 -13.32 15.07
CA ALA B 213 7.24 -12.83 13.67
C ALA B 213 7.93 -13.83 12.75
N ALA B 214 7.28 -14.17 11.64
CA ALA B 214 7.86 -15.02 10.58
C ALA B 214 8.36 -14.13 9.45
N THR B 215 9.56 -14.40 8.94
CA THR B 215 10.12 -13.71 7.76
C THR B 215 10.43 -14.72 6.65
N LEU B 216 10.40 -14.27 5.40
CA LEU B 216 10.56 -15.15 4.21
C LEU B 216 12.03 -15.43 3.93
N ASP B 217 12.82 -15.49 4.99
CA ASP B 217 14.20 -16.06 5.02
C ASP B 217 14.21 -17.30 5.92
N ASN B 218 13.10 -18.06 5.96
CA ASN B 218 13.02 -19.35 6.70
C ASN B 218 13.20 -19.09 8.20
N THR B 219 12.70 -17.98 8.73
CA THR B 219 13.03 -17.59 10.11
C THR B 219 11.79 -17.17 10.90
N LEU B 220 11.72 -17.62 12.15
CA LEU B 220 10.80 -17.06 13.18
C LEU B 220 11.65 -16.33 14.22
N LYS B 221 11.13 -15.23 14.73
CA LYS B 221 11.81 -14.45 15.78
C LYS B 221 10.83 -14.11 16.90
N LEU B 222 11.30 -14.22 18.13
CA LEU B 222 10.55 -13.81 19.33
C LEU B 222 11.06 -12.45 19.76
N TRP B 223 10.18 -11.46 19.77
CA TRP B 223 10.50 -10.05 20.12
C TRP B 223 9.92 -9.71 21.49
N ASP B 224 10.69 -8.99 22.30
CA ASP B 224 10.18 -8.26 23.47
C ASP B 224 9.55 -6.96 22.97
N TYR B 225 8.22 -6.83 23.09
CA TYR B 225 7.45 -5.64 22.63
C TYR B 225 7.94 -4.40 23.38
N SER B 226 7.94 -4.45 24.72
CA SER B 226 8.33 -3.34 25.64
C SER B 226 9.68 -2.75 25.21
N LYS B 227 10.66 -3.62 24.91
CA LYS B 227 12.07 -3.22 24.65
C LYS B 227 12.35 -3.08 23.15
N GLY B 228 11.45 -3.57 22.30
CA GLY B 228 11.63 -3.57 20.83
C GLY B 228 12.86 -4.36 20.42
N LYS B 229 13.16 -5.45 21.12
CA LYS B 229 14.41 -6.23 20.97
C LYS B 229 14.10 -7.69 20.62
N CYS B 230 14.89 -8.29 19.72
CA CYS B 230 14.80 -9.72 19.34
C CYS B 230 15.51 -10.58 20.39
N LEU B 231 14.80 -11.55 20.96
CA LEU B 231 15.29 -12.43 22.06
C LEU B 231 15.69 -13.82 21.53
N LYS B 232 14.97 -14.36 20.56
CA LYS B 232 15.15 -15.76 20.09
C LYS B 232 14.96 -15.82 18.58
N THR B 233 15.74 -16.66 17.92
CA THR B 233 15.64 -16.96 16.48
C THR B 233 15.43 -18.46 16.32
N TYR B 234 14.45 -18.84 15.49
CA TYR B 234 14.11 -20.25 15.19
C TYR B 234 14.20 -20.47 13.68
N THR B 235 14.99 -21.45 13.25
CA THR B 235 15.12 -21.81 11.82
CA THR B 235 15.04 -21.83 11.81
C THR B 235 15.23 -23.33 11.67
N GLY B 236 15.36 -23.78 10.43
CA GLY B 236 15.48 -25.22 10.09
C GLY B 236 14.35 -25.65 9.20
N HIS B 237 13.26 -24.88 9.19
CA HIS B 237 12.08 -25.10 8.33
C HIS B 237 12.28 -24.33 7.03
N LYS B 238 11.30 -24.41 6.13
CA LYS B 238 11.33 -23.70 4.82
C LYS B 238 10.16 -22.72 4.82
N ASN B 239 10.45 -21.43 4.68
CA ASN B 239 9.39 -20.42 4.52
C ASN B 239 9.99 -19.26 3.73
N GLU B 240 9.81 -19.31 2.41
CA GLU B 240 10.32 -18.27 1.49
C GLU B 240 9.17 -17.65 0.68
N LYS B 241 7.93 -18.14 0.80
CA LYS B 241 6.83 -17.66 -0.09
C LYS B 241 5.58 -17.31 0.70
N TYR B 242 5.07 -18.25 1.48
CA TYR B 242 3.68 -18.18 2.01
C TYR B 242 3.61 -17.53 3.40
N CYS B 243 2.47 -16.91 3.69
CA CYS B 243 2.01 -16.66 5.08
C CYS B 243 1.74 -18.03 5.71
N ILE B 244 2.65 -18.46 6.57
CA ILE B 244 2.50 -19.72 7.35
C ILE B 244 2.22 -19.33 8.79
N PHE B 245 1.09 -19.78 9.32
CA PHE B 245 0.68 -19.49 10.71
C PHE B 245 1.64 -20.21 11.66
N ALA B 246 2.14 -19.49 12.65
CA ALA B 246 3.00 -20.01 13.72
C ALA B 246 2.30 -19.72 15.05
N ASN B 247 2.70 -20.45 16.08
CA ASN B 247 1.97 -20.45 17.38
C ASN B 247 2.92 -20.63 18.55
N PHE B 248 2.48 -20.12 19.69
CA PHE B 248 2.97 -20.52 21.03
C PHE B 248 2.14 -21.70 21.50
N SER B 249 2.79 -22.80 21.85
CA SER B 249 2.15 -23.95 22.53
C SER B 249 2.46 -23.81 24.02
N VAL B 250 1.42 -23.70 24.86
CA VAL B 250 1.60 -23.33 26.29
C VAL B 250 0.88 -24.33 27.20
N THR B 251 0.22 -25.35 26.66
CA THR B 251 -0.60 -26.28 27.48
C THR B 251 0.28 -27.28 28.24
N GLY B 252 1.41 -27.66 27.65
CA GLY B 252 2.39 -28.58 28.24
C GLY B 252 3.73 -27.91 28.34
N GLY B 253 4.73 -28.43 27.64
CA GLY B 253 6.02 -27.73 27.50
C GLY B 253 5.84 -26.46 26.70
N LYS B 254 6.77 -25.52 26.79
CA LYS B 254 6.65 -24.23 26.07
C LYS B 254 7.34 -24.36 24.71
N TRP B 255 6.54 -24.51 23.66
CA TRP B 255 7.04 -24.75 22.29
C TRP B 255 6.67 -23.59 21.38
N ILE B 256 7.38 -23.50 20.26
CA ILE B 256 6.96 -22.74 19.06
C ILE B 256 6.56 -23.77 18.02
N VAL B 257 5.40 -23.58 17.41
CA VAL B 257 4.88 -24.51 16.37
C VAL B 257 4.70 -23.73 15.07
N SER B 258 5.15 -24.31 13.96
CA SER B 258 4.96 -23.70 12.63
C SER B 258 4.75 -24.77 11.56
N GLY B 259 4.05 -24.38 10.50
CA GLY B 259 4.12 -25.09 9.22
C GLY B 259 5.42 -24.81 8.50
N SER B 260 5.54 -25.36 7.30
CA SER B 260 6.79 -25.35 6.51
C SER B 260 6.50 -25.70 5.05
N GLU B 261 7.31 -25.15 4.14
CA GLU B 261 7.19 -25.41 2.69
C GLU B 261 7.85 -26.75 2.31
N ASP B 262 8.38 -27.50 3.28
CA ASP B 262 8.89 -28.88 3.06
C ASP B 262 7.88 -29.92 3.57
N ASN B 263 6.64 -29.50 3.84
CA ASN B 263 5.47 -30.38 4.13
C ASN B 263 5.49 -30.92 5.56
N LEU B 264 6.35 -30.40 6.43
CA LEU B 264 6.44 -30.85 7.84
C LEU B 264 5.88 -29.79 8.78
N VAL B 265 5.41 -30.24 9.94
CA VAL B 265 5.14 -29.36 11.11
C VAL B 265 6.41 -29.34 11.96
N TYR B 266 6.93 -28.15 12.23
CA TYR B 266 8.14 -27.97 13.07
C TYR B 266 7.71 -27.54 14.47
N ILE B 267 8.36 -28.13 15.46
CA ILE B 267 8.17 -27.77 16.89
C ILE B 267 9.55 -27.49 17.47
N TRP B 268 9.71 -26.28 18.00
CA TRP B 268 10.96 -25.86 18.68
C TRP B 268 10.70 -25.74 20.18
N ASN B 269 11.74 -26.00 20.97
CA ASN B 269 11.82 -25.58 22.38
C ASN B 269 11.96 -24.06 22.40
N LEU B 270 10.98 -23.35 22.97
CA LEU B 270 10.95 -21.85 22.91
C LEU B 270 12.23 -21.28 23.51
N GLN B 271 12.68 -21.82 24.63
CA GLN B 271 13.84 -21.28 25.39
C GLN B 271 15.16 -21.61 24.67
N THR B 272 15.35 -22.86 24.25
CA THR B 272 16.67 -23.37 23.79
C THR B 272 16.83 -23.23 22.28
N LYS B 273 15.72 -23.11 21.54
CA LYS B 273 15.69 -22.97 20.05
C LYS B 273 16.03 -24.32 19.39
N GLU B 274 16.07 -25.42 20.14
CA GLU B 274 16.25 -26.76 19.55
C GLU B 274 14.97 -27.17 18.81
N ILE B 275 15.10 -27.76 17.63
CA ILE B 275 13.96 -28.42 16.94
C ILE B 275 13.72 -29.73 17.69
N VAL B 276 12.59 -29.86 18.37
CA VAL B 276 12.31 -31.03 19.26
C VAL B 276 11.41 -32.05 18.53
N GLN B 277 10.65 -31.63 17.52
CA GLN B 277 9.85 -32.59 16.72
C GLN B 277 9.59 -32.03 15.33
N LYS B 278 9.58 -32.92 14.34
CA LYS B 278 9.10 -32.65 12.97
C LYS B 278 7.99 -33.65 12.65
N LEU B 279 6.77 -33.17 12.41
CA LEU B 279 5.62 -34.07 12.19
C LEU B 279 5.48 -34.34 10.70
N GLN B 280 5.57 -35.62 10.33
CA GLN B 280 5.50 -36.10 8.92
C GLN B 280 4.10 -36.64 8.66
N GLY B 281 3.57 -36.36 7.47
CA GLY B 281 2.26 -36.89 7.06
C GLY B 281 1.68 -36.10 5.91
N HIS B 282 1.82 -34.77 5.93
CA HIS B 282 1.26 -33.93 4.85
C HIS B 282 2.07 -34.13 3.58
N THR B 283 1.42 -33.96 2.44
CA THR B 283 2.03 -34.15 1.09
C THR B 283 2.04 -32.83 0.32
N ASP B 284 1.85 -31.71 1.00
CA ASP B 284 2.05 -30.36 0.39
C ASP B 284 2.41 -29.42 1.53
N VAL B 285 2.69 -28.17 1.15
CA VAL B 285 3.12 -27.11 2.10
C VAL B 285 2.15 -27.10 3.28
N VAL B 286 2.68 -27.10 4.50
CA VAL B 286 1.85 -26.96 5.72
C VAL B 286 1.70 -25.46 5.96
N ILE B 287 0.56 -24.94 5.52
CA ILE B 287 0.26 -23.49 5.45
C ILE B 287 -0.21 -22.97 6.80
N SER B 288 -0.81 -23.84 7.61
CA SER B 288 -1.45 -23.40 8.86
C SER B 288 -1.25 -24.45 9.94
N THR B 289 -0.96 -23.97 11.13
CA THR B 289 -0.98 -24.79 12.35
C THR B 289 -1.77 -24.01 13.40
N ALA B 290 -2.35 -24.74 14.34
CA ALA B 290 -3.03 -24.12 15.50
C ALA B 290 -2.82 -25.01 16.71
N CYS B 291 -2.77 -24.39 17.88
CA CYS B 291 -2.57 -25.10 19.17
C CYS B 291 -3.84 -24.97 19.98
N HIS B 292 -4.32 -26.11 20.47
CA HIS B 292 -5.56 -26.18 21.27
C HIS B 292 -5.39 -25.34 22.53
N PRO B 293 -6.44 -24.62 22.99
CA PRO B 293 -6.28 -23.75 24.16
C PRO B 293 -6.03 -24.46 25.50
N THR B 294 -6.42 -25.73 25.63
CA THR B 294 -6.28 -26.43 26.95
C THR B 294 -5.58 -27.79 26.83
N GLU B 295 -5.72 -28.50 25.72
CA GLU B 295 -5.13 -29.85 25.53
CA GLU B 295 -5.12 -29.84 25.55
C GLU B 295 -3.87 -29.74 24.67
N ASN B 296 -2.97 -30.72 24.80
CA ASN B 296 -1.76 -30.79 23.96
C ASN B 296 -2.16 -31.35 22.59
N ILE B 297 -2.86 -30.53 21.82
CA ILE B 297 -3.41 -30.91 20.48
C ILE B 297 -2.97 -29.84 19.48
N ILE B 298 -2.42 -30.28 18.36
CA ILE B 298 -2.06 -29.39 17.22
C ILE B 298 -2.98 -29.75 16.05
N ALA B 299 -3.48 -28.74 15.36
CA ALA B 299 -4.09 -28.92 14.03
C ALA B 299 -3.11 -28.37 12.99
N SER B 300 -2.98 -29.08 11.89
CA SER B 300 -2.15 -28.62 10.74
C SER B 300 -2.97 -28.77 9.47
N ALA B 301 -2.67 -27.98 8.46
CA ALA B 301 -3.42 -28.05 7.19
C ALA B 301 -2.51 -27.69 6.04
N ALA B 302 -2.83 -28.20 4.85
CA ALA B 302 -1.89 -28.19 3.72
C ALA B 302 -2.52 -27.64 2.44
N LEU B 303 -1.64 -27.29 1.51
CA LEU B 303 -2.04 -26.75 0.18
C LEU B 303 -2.60 -27.87 -0.72
N GLU B 304 -2.87 -27.52 -1.98
CA GLU B 304 -3.88 -28.17 -2.84
C GLU B 304 -3.54 -29.63 -3.18
N ASN B 305 -2.28 -30.08 -3.11
CA ASN B 305 -1.94 -31.48 -3.47
C ASN B 305 -2.30 -32.40 -2.29
N ASP B 306 -2.62 -31.83 -1.14
CA ASP B 306 -2.99 -32.56 0.10
C ASP B 306 -4.43 -32.21 0.48
N LYS B 307 -4.68 -30.95 0.83
CA LYS B 307 -6.02 -30.37 1.12
C LYS B 307 -6.62 -30.97 2.39
N THR B 308 -5.85 -31.65 3.22
CA THR B 308 -6.37 -32.24 4.47
C THR B 308 -5.93 -31.41 5.66
N ILE B 309 -6.66 -31.58 6.75
CA ILE B 309 -6.32 -31.09 8.10
C ILE B 309 -5.93 -32.32 8.91
N LYS B 310 -4.86 -32.22 9.69
CA LYS B 310 -4.46 -33.32 10.59
C LYS B 310 -4.53 -32.83 12.04
N LEU B 311 -5.01 -33.70 12.90
CA LEU B 311 -5.04 -33.45 14.37
C LEU B 311 -4.03 -34.39 15.01
N TRP B 312 -3.18 -33.82 15.87
CA TRP B 312 -2.05 -34.49 16.52
C TRP B 312 -2.22 -34.34 18.03
N LYS B 313 -1.79 -35.33 18.81
CA LYS B 313 -1.85 -35.21 20.28
C LYS B 313 -0.52 -35.66 20.89
N SER B 314 -0.14 -34.99 21.97
CA SER B 314 1.12 -35.23 22.72
C SER B 314 0.80 -35.43 24.21
N ASP B 315 1.67 -36.14 24.91
CA ASP B 315 1.57 -36.32 26.39
C ASP B 315 2.08 -35.07 27.09
N CYS B 316 2.86 -34.21 26.42
CA CYS B 316 3.39 -32.95 27.01
C CYS B 316 3.62 -31.89 25.92
C1 YJR C . -2.85 30.32 -21.51
C2 YJR C . -3.60 30.80 -22.60
C3 YJR C . -4.50 31.86 -22.44
C11 YJR C . -6.61 35.70 -21.75
C12 YJR C . -5.70 34.65 -21.93
C13 YJR C . -1.84 29.17 -21.62
C17 YJR C . 0.40 29.94 -22.27
C18 YJR C . 1.34 30.10 -23.38
C22 YJR C . 3.23 30.55 -25.39
C23 YJR C . 2.02 30.16 -25.80
C24 YJR C . 1.00 29.81 -24.79
C26 YJR C . 4.71 30.84 -23.53
C27 YJR C . 4.28 30.92 -26.42
C28 YJR C . 5.05 32.14 -23.11
C30 YJR C . 7.16 31.37 -22.38
C4 YJR C . -4.67 32.47 -21.17
C5 YJR C . -3.93 31.99 -20.10
C6 YJR C . -3.03 30.94 -20.26
C7 YJR C . -5.64 33.59 -21.00
C8 YJR C . -6.50 33.61 -19.89
C9 YJR C . -7.40 34.65 -19.70
C10 YJR C . -7.46 35.70 -20.63
N14 YJR C . -0.79 29.42 -22.61
F15 YJR C . -3.48 30.26 -23.82
F16 YJR C . -2.35 30.53 -19.21
O19 YJR C . 0.75 30.29 -21.12
N20 YJR C . 2.54 30.47 -23.12
N21 YJR C . 3.48 30.62 -24.08
O25 YJR C . -0.07 29.33 -25.11
N29 YJR C . 6.27 32.37 -22.55
C31 YJR C . 6.88 30.05 -22.78
C32 YJR C . 5.63 29.80 -23.36
C1 YJR D . 6.17 -17.44 26.18
C2 YJR D . 7.02 -18.23 27.00
C3 YJR D . 8.33 -17.81 27.30
C11 YJR D . 12.60 -16.54 27.49
C12 YJR D . 11.29 -16.99 27.25
C13 YJR D . 4.73 -17.83 25.79
C17 YJR D . 2.85 -17.25 27.30
C18 YJR D . 1.97 -17.67 28.43
C22 YJR D . 0.29 -18.32 30.57
C23 YJR D . 1.36 -19.12 30.36
C24 YJR D . 2.26 -18.87 29.23
C26 YJR D . -1.04 -16.50 29.83
C27 YJR D . -0.63 -18.60 31.75
C28 YJR D . -1.03 -15.32 30.61
C30 YJR D . -3.26 -14.82 30.05
C4 YJR D . 8.84 -16.59 26.81
C5 YJR D . 8.00 -15.82 25.99
C6 YJR D . 6.69 -16.24 25.68
C7 YJR D . 10.22 -16.10 27.08
C8 YJR D . 10.52 -14.73 27.12
C9 YJR D . 11.82 -14.27 27.35
C10 YJR D . 12.88 -15.16 27.54
N14 YJR D . 3.82 -18.12 26.92
F15 YJR D . 6.58 -19.39 27.48
F16 YJR D . 5.94 -15.46 24.92
O19 YJR D . 2.66 -16.16 26.76
N20 YJR D . 0.93 -16.98 28.72
N21 YJR D . 0.07 -17.30 29.74
O25 YJR D . 3.21 -19.60 28.96
N29 YJR D . -2.12 -14.52 30.70
C31 YJR D . -3.35 -15.97 29.25
C32 YJR D . -2.22 -16.82 29.14
#